data_8BGK
#
_entry.id   8BGK
#
_entity_poly.entity_id   1
_entity_poly.type   'polypeptide(L)'
_entity_poly.pdbx_seq_one_letter_code
;WAQALLPIWTYTQ(NLE)TVSAPLFAALVAAYGIYAVTRYGIKKARTRNDSHQCANNRGWCRKSCFGHEYIDWYYTDVCG
SFYCCRPRN(NLW)
;
_entity_poly.pdbx_strand_id   B
#
# COMPACT_ATOMS: atom_id res chain seq x y z
N TRP A 1 14.69 11.45 -1.01
CA TRP A 1 13.53 11.27 -0.13
C TRP A 1 14.00 10.89 1.29
N ALA A 2 14.96 9.95 1.37
CA ALA A 2 15.41 9.31 2.62
C ALA A 2 14.28 8.55 3.30
N GLN A 3 13.29 9.28 3.77
CA GLN A 3 12.06 8.71 4.28
C GLN A 3 11.09 8.74 3.14
N ALA A 4 10.42 7.62 2.92
CA ALA A 4 9.50 7.43 1.80
C ALA A 4 8.36 8.45 1.83
N LEU A 5 8.66 9.67 1.43
CA LEU A 5 7.70 10.74 1.32
C LEU A 5 6.77 10.53 0.14
N LEU A 6 6.52 9.28 -0.21
CA LEU A 6 5.74 8.93 -1.37
C LEU A 6 5.56 7.41 -1.42
N PRO A 7 5.01 6.82 -0.35
CA PRO A 7 5.07 5.38 -0.09
C PRO A 7 3.85 4.62 -0.57
N ILE A 8 3.62 4.58 -1.87
CA ILE A 8 2.42 3.92 -2.39
C ILE A 8 2.49 3.62 -3.90
N TRP A 9 1.90 4.46 -4.75
CA TRP A 9 1.87 4.25 -6.21
C TRP A 9 3.27 4.08 -6.84
N THR A 10 4.32 4.32 -6.07
CA THR A 10 5.67 4.19 -6.58
C THR A 10 6.48 3.19 -5.73
N TYR A 11 5.87 2.69 -4.66
CA TYR A 11 6.51 1.71 -3.79
C TYR A 11 5.55 0.55 -3.54
N THR A 12 4.68 0.74 -2.56
CA THR A 12 3.62 -0.21 -2.24
C THR A 12 2.39 0.51 -1.71
N GLN A 13 2.44 0.79 -0.42
CA GLN A 13 1.37 1.47 0.30
C GLN A 13 1.71 1.43 1.80
N NLE A 14 1.98 2.57 2.40
CA NLE A 14 2.40 2.58 3.79
C NLE A 14 1.57 3.55 4.62
O NLE A 14 1.06 4.55 4.11
CB NLE A 14 3.87 2.94 3.92
CG NLE A 14 4.80 1.93 3.27
CD NLE A 14 4.69 0.56 3.91
CE NLE A 14 5.15 0.57 5.36
H NLE A 14 1.93 3.41 1.90
HA NLE A 14 2.24 1.59 4.18
HB2 NLE A 14 4.12 2.99 4.98
HB3 NLE A 14 4.04 3.91 3.49
HG2 NLE A 14 5.82 2.28 3.35
HG3 NLE A 14 4.53 1.85 2.22
HD2 NLE A 14 5.30 -0.14 3.36
HD3 NLE A 14 3.67 0.23 3.89
HE1 NLE A 14 5.58 -0.34 5.73
HE2 NLE A 14 4.44 0.92 6.10
HE3 NLE A 14 6.09 1.07 5.56
N THR A 15 1.45 3.23 5.89
CA THR A 15 0.82 4.11 6.83
C THR A 15 1.85 5.01 7.49
N VAL A 16 1.60 6.30 7.48
CA VAL A 16 2.55 7.24 8.07
C VAL A 16 1.85 8.25 8.93
N SER A 17 1.34 9.28 8.31
CA SER A 17 0.73 10.35 9.06
C SER A 17 0.07 11.33 8.13
N ALA A 18 -0.51 12.31 8.74
CA ALA A 18 -1.17 13.39 8.04
C ALA A 18 -0.16 14.23 7.23
N PRO A 19 0.96 14.66 7.84
CA PRO A 19 2.00 15.41 7.14
C PRO A 19 2.44 14.73 5.86
N LEU A 20 2.52 13.41 5.90
CA LEU A 20 2.97 12.63 4.77
C LEU A 20 1.83 12.50 3.76
N PHE A 21 0.65 12.24 4.27
CA PHE A 21 -0.54 12.07 3.45
C PHE A 21 -0.82 13.34 2.67
N ALA A 22 -0.75 14.45 3.38
CA ALA A 22 -1.04 15.75 2.83
C ALA A 22 -0.04 16.09 1.73
N ALA A 23 1.20 15.66 1.93
CA ALA A 23 2.26 15.92 0.98
C ALA A 23 1.98 15.23 -0.34
N LEU A 24 1.34 14.08 -0.26
CA LEU A 24 1.05 13.28 -1.42
C LEU A 24 -0.22 13.74 -2.11
N VAL A 25 -1.20 14.16 -1.34
CA VAL A 25 -2.42 14.68 -1.89
C VAL A 25 -2.16 16.02 -2.55
N ALA A 26 -1.24 16.76 -1.96
CA ALA A 26 -0.91 18.09 -2.43
C ALA A 26 -0.13 18.02 -3.74
N ALA A 27 0.67 16.99 -3.91
CA ALA A 27 1.53 16.88 -5.08
C ALA A 27 0.88 16.05 -6.18
N TYR A 28 0.15 15.02 -5.78
CA TYR A 28 -0.39 14.08 -6.75
C TYR A 28 -1.89 14.24 -6.91
N GLY A 29 -2.62 13.99 -5.83
CA GLY A 29 -4.06 13.96 -5.91
C GLY A 29 -4.61 12.93 -4.96
N ILE A 30 -5.57 13.37 -4.15
CA ILE A 30 -6.11 12.56 -3.06
C ILE A 30 -6.54 11.18 -3.55
N TYR A 31 -7.04 11.11 -4.79
CA TYR A 31 -7.65 9.89 -5.29
C TYR A 31 -6.65 8.74 -5.38
N ALA A 32 -5.43 9.03 -5.86
CA ALA A 32 -4.39 8.02 -6.04
C ALA A 32 -3.79 7.68 -4.70
N VAL A 33 -3.73 8.69 -3.86
CA VAL A 33 -3.21 8.57 -2.52
C VAL A 33 -4.01 7.52 -1.72
N THR A 34 -5.31 7.73 -1.63
CA THR A 34 -6.17 6.81 -0.90
C THR A 34 -6.66 5.67 -1.81
N ARG A 35 -6.10 5.59 -3.01
CA ARG A 35 -6.46 4.56 -3.97
C ARG A 35 -5.67 3.30 -3.76
N TYR A 36 -4.37 3.41 -3.81
CA TYR A 36 -3.52 2.24 -3.84
C TYR A 36 -3.28 1.65 -2.45
N GLY A 37 -3.28 2.49 -1.42
CA GLY A 37 -3.20 1.95 -0.08
C GLY A 37 -2.39 2.78 0.91
N ILE A 38 -2.18 4.06 0.64
CA ILE A 38 -1.55 4.93 1.63
C ILE A 38 -2.42 4.95 2.88
N LYS A 39 -1.89 5.45 3.97
CA LYS A 39 -2.73 5.67 5.11
C LYS A 39 -2.30 6.88 5.93
N LYS A 40 -3.27 7.72 6.27
CA LYS A 40 -3.03 8.87 7.10
C LYS A 40 -3.00 8.48 8.57
N ALA A 41 -2.06 7.60 8.90
CA ALA A 41 -1.90 7.06 10.26
C ALA A 41 -3.15 6.36 10.77
N ARG A 42 -3.26 5.07 10.46
CA ARG A 42 -4.41 4.25 10.88
C ARG A 42 -4.27 2.81 10.43
N THR A 43 -3.48 2.58 9.38
CA THR A 43 -3.42 1.30 8.67
C THR A 43 -4.73 1.03 7.92
N ARG A 44 -4.65 0.45 6.73
CA ARG A 44 -5.86 0.19 5.93
C ARG A 44 -6.88 -0.63 6.73
N ASN A 45 -6.54 -1.89 6.97
CA ASN A 45 -7.41 -2.80 7.72
C ASN A 45 -6.55 -3.66 8.63
N ASP A 46 -7.10 -4.80 9.05
CA ASP A 46 -6.33 -5.81 9.77
C ASP A 46 -5.21 -6.34 8.87
N SER A 47 -5.43 -6.18 7.57
CA SER A 47 -4.44 -6.48 6.56
C SER A 47 -3.06 -5.95 6.94
N HIS A 48 -2.04 -6.75 6.69
CA HIS A 48 -0.68 -6.42 7.08
C HIS A 48 0.27 -6.75 5.94
N GLN A 49 1.47 -6.22 5.98
CA GLN A 49 2.38 -6.36 4.85
C GLN A 49 3.10 -7.70 4.87
N CYS A 50 3.49 -8.12 3.69
CA CYS A 50 4.23 -9.35 3.52
C CYS A 50 5.58 -9.04 2.93
N ALA A 51 6.63 -9.66 3.49
CA ALA A 51 8.02 -9.33 3.17
C ALA A 51 8.33 -7.92 3.67
N ASN A 52 7.30 -7.34 4.31
CA ASN A 52 7.28 -5.95 4.78
C ASN A 52 8.01 -5.01 3.83
N ASN A 53 7.70 -5.16 2.54
CA ASN A 53 8.37 -4.36 1.50
C ASN A 53 7.81 -4.69 0.11
N ARG A 54 7.52 -5.95 -0.15
CA ARG A 54 7.12 -6.37 -1.48
C ARG A 54 5.64 -6.08 -1.76
N GLY A 55 4.76 -6.61 -0.92
CA GLY A 55 3.34 -6.43 -1.14
C GLY A 55 2.56 -6.41 0.15
N TRP A 56 1.25 -6.23 0.07
CA TRP A 56 0.44 -6.15 1.27
C TRP A 56 -0.60 -7.27 1.29
N CYS A 57 -0.64 -8.01 2.39
CA CYS A 57 -1.60 -9.08 2.58
C CYS A 57 -3.01 -8.51 2.71
N ARG A 58 -3.83 -8.71 1.67
CA ARG A 58 -5.19 -8.19 1.63
C ARG A 58 -6.15 -9.29 1.25
N LYS A 59 -7.44 -9.03 1.40
CA LYS A 59 -8.46 -10.04 1.19
C LYS A 59 -8.85 -10.15 -0.28
N SER A 60 -8.45 -9.16 -1.08
CA SER A 60 -8.73 -9.12 -2.50
C SER A 60 -8.15 -7.85 -3.11
N CYS A 61 -7.68 -7.95 -4.34
CA CYS A 61 -7.02 -6.84 -5.01
C CYS A 61 -8.02 -6.03 -5.81
N PHE A 62 -7.78 -4.73 -5.88
CA PHE A 62 -8.70 -3.81 -6.56
C PHE A 62 -8.46 -3.83 -8.06
N GLY A 63 -9.27 -3.07 -8.80
CA GLY A 63 -9.14 -3.02 -10.25
C GLY A 63 -7.99 -2.14 -10.71
N HIS A 64 -6.82 -2.39 -10.14
CA HIS A 64 -5.60 -1.66 -10.48
C HIS A 64 -4.41 -2.35 -9.84
N GLU A 65 -4.57 -3.65 -9.59
CA GLU A 65 -3.58 -4.42 -8.85
C GLU A 65 -3.55 -5.85 -9.35
N TYR A 66 -2.70 -6.66 -8.73
CA TYR A 66 -2.61 -8.08 -9.03
C TYR A 66 -2.20 -8.83 -7.78
N ILE A 67 -2.68 -10.05 -7.62
CA ILE A 67 -2.26 -10.87 -6.50
C ILE A 67 -0.86 -11.36 -6.73
N ASP A 68 0.03 -11.07 -5.81
CA ASP A 68 1.33 -11.67 -5.84
C ASP A 68 1.39 -12.69 -4.73
N TRP A 69 2.21 -13.67 -4.91
CA TRP A 69 2.27 -14.78 -4.00
C TRP A 69 3.62 -14.85 -3.35
N TYR A 70 4.17 -16.06 -3.23
CA TYR A 70 5.37 -16.35 -2.43
C TYR A 70 5.01 -16.20 -0.97
N TYR A 71 4.34 -15.11 -0.69
CA TYR A 71 4.04 -14.66 0.63
C TYR A 71 2.58 -14.87 1.00
N THR A 72 1.72 -14.98 -0.01
CA THR A 72 0.29 -15.19 0.22
C THR A 72 0.03 -16.44 1.06
N ASP A 73 0.97 -17.37 1.02
CA ASP A 73 0.83 -18.63 1.73
C ASP A 73 1.66 -18.62 3.01
N VAL A 74 2.58 -17.66 3.12
CA VAL A 74 3.32 -17.46 4.36
C VAL A 74 2.43 -16.71 5.32
N CYS A 75 1.65 -15.80 4.74
CA CYS A 75 0.55 -15.16 5.43
C CYS A 75 -0.56 -16.18 5.62
N GLY A 76 -0.71 -17.05 4.62
CA GLY A 76 -1.63 -18.15 4.74
C GLY A 76 -3.01 -17.83 4.21
N SER A 77 -3.66 -16.83 4.78
CA SER A 77 -5.03 -16.52 4.43
C SER A 77 -5.11 -15.32 3.50
N PHE A 78 -4.14 -14.43 3.57
CA PHE A 78 -4.25 -13.20 2.82
C PHE A 78 -3.50 -13.22 1.51
N TYR A 79 -4.02 -12.39 0.63
CA TYR A 79 -3.53 -12.25 -0.71
C TYR A 79 -2.54 -11.08 -0.78
N CYS A 80 -1.31 -11.37 -1.15
CA CYS A 80 -0.28 -10.33 -1.25
C CYS A 80 -0.54 -9.44 -2.46
N CYS A 81 -1.39 -8.45 -2.29
CA CYS A 81 -1.77 -7.58 -3.39
C CYS A 81 -0.66 -6.58 -3.68
N ARG A 82 -0.19 -6.58 -4.92
CA ARG A 82 0.81 -5.62 -5.36
C ARG A 82 0.27 -4.87 -6.56
N PRO A 83 -0.11 -3.60 -6.37
CA PRO A 83 -0.65 -2.73 -7.43
C PRO A 83 0.21 -2.73 -8.69
N ARG A 84 -0.45 -2.69 -9.85
CA ARG A 84 0.23 -2.85 -11.13
C ARG A 84 0.99 -1.60 -11.56
N ASN A 85 0.53 -0.45 -11.12
CA ASN A 85 1.23 0.81 -11.38
C ASN A 85 2.63 0.82 -10.80
CD2 NLW A 86 2.82 -0.63 -5.40
CG NLW A 86 3.17 0.24 -6.58
CD1 NLW A 86 1.93 0.89 -7.13
CB NLW A 86 3.89 -0.61 -7.65
CA NLW A 86 4.09 0.04 -9.02
N NLW A 86 2.84 0.02 -9.77
C NLW A 86 5.21 -0.67 -9.78
O NLW A 86 5.42 -1.88 -9.61
NH2 NLW A 86 5.93 0.07 -10.60
H2 NLW A 86 3.73 -1.05 -4.98
H1 NLW A 86 2.32 -0.03 -4.66
H3 NLW A 86 2.16 -1.43 -5.72
H4 NLW A 86 3.83 1.01 -6.24
H5 NLW A 86 2.20 1.81 -7.64
H6 NLW A 86 1.25 1.11 -6.31
H7 NLW A 86 1.45 0.23 -7.82
H8 NLW A 86 4.87 -0.87 -7.25
H9 NLW A 86 3.33 -1.52 -7.79
H10 NLW A 86 4.38 1.07 -8.88
H11 NLW A 86 2.15 -0.62 -9.51
H14 NLW A 86 5.71 1.05 -10.70
H15 NLW A 86 6.68 -0.34 -11.11
N TRP A 1 14.17 8.89 -2.19
CA TRP A 1 14.34 10.25 -1.62
C TRP A 1 14.71 10.14 -0.15
N ALA A 2 15.30 11.20 0.40
CA ALA A 2 15.73 11.22 1.80
C ALA A 2 14.65 10.65 2.70
N GLN A 3 13.47 11.21 2.58
CA GLN A 3 12.31 10.73 3.28
C GLN A 3 11.25 10.45 2.23
N ALA A 4 10.68 9.26 2.29
CA ALA A 4 9.65 8.83 1.34
C ALA A 4 8.41 9.71 1.42
N LEU A 5 8.58 10.90 0.91
CA LEU A 5 7.56 11.94 0.86
C LEU A 5 6.36 11.48 0.07
N LEU A 6 6.63 10.64 -0.86
CA LEU A 6 5.67 10.33 -1.88
C LEU A 6 5.52 8.80 -1.98
N PRO A 7 5.02 8.20 -0.88
CA PRO A 7 5.25 6.79 -0.53
C PRO A 7 4.32 5.78 -1.20
N ILE A 8 3.61 6.17 -2.25
CA ILE A 8 2.57 5.30 -2.76
C ILE A 8 2.69 5.00 -4.28
N TRP A 9 2.02 5.77 -5.15
CA TRP A 9 2.03 5.56 -6.60
C TRP A 9 3.45 5.56 -7.22
N THR A 10 4.48 5.74 -6.41
CA THR A 10 5.84 5.68 -6.89
C THR A 10 6.71 4.78 -5.98
N TYR A 11 6.28 4.60 -4.73
CA TYR A 11 6.99 3.71 -3.80
C TYR A 11 6.14 2.48 -3.53
N THR A 12 5.21 2.60 -2.58
CA THR A 12 4.26 1.53 -2.28
C THR A 12 2.88 2.10 -1.96
N GLN A 13 2.65 2.38 -0.69
CA GLN A 13 1.40 2.93 -0.19
C GLN A 13 1.51 3.09 1.33
N NLE A 14 0.76 2.27 2.07
CA NLE A 14 0.94 2.08 3.50
C NLE A 14 0.54 3.30 4.33
O NLE A 14 0.19 4.35 3.80
CB NLE A 14 2.38 1.71 3.76
CG NLE A 14 2.81 0.37 3.18
CD NLE A 14 1.98 -0.79 3.73
CE NLE A 14 2.39 -2.10 3.10
H NLE A 14 0.05 1.80 1.64
HA NLE A 14 0.31 1.25 3.79
HB2 NLE A 14 2.56 1.70 4.83
HB3 NLE A 14 2.98 2.47 3.30
HG2 NLE A 14 3.84 0.19 3.40
HG3 NLE A 14 2.67 0.40 2.10
HD2 NLE A 14 0.93 -0.60 3.53
HD3 NLE A 14 2.14 -0.85 4.80
HE1 NLE A 14 2.82 -2.81 3.78
HE2 NLE A 14 3.00 -2.06 2.22
HE3 NLE A 14 1.58 -2.80 2.91
N THR A 15 0.58 3.12 5.64
CA THR A 15 0.18 4.15 6.57
C THR A 15 1.37 4.94 7.07
N VAL A 16 1.29 6.26 7.00
CA VAL A 16 2.38 7.12 7.43
C VAL A 16 1.92 8.18 8.40
N SER A 17 1.70 9.38 7.89
CA SER A 17 1.33 10.47 8.74
C SER A 17 0.45 11.43 7.98
N ALA A 18 -0.39 12.09 8.73
CA ALA A 18 -1.29 13.09 8.19
C ALA A 18 -0.54 14.22 7.45
N PRO A 19 0.53 14.80 8.04
CA PRO A 19 1.36 15.79 7.36
C PRO A 19 1.86 15.29 6.02
N LEU A 20 2.14 14.00 5.97
CA LEU A 20 2.69 13.38 4.79
C LEU A 20 1.59 13.24 3.75
N PHE A 21 0.45 12.76 4.19
CA PHE A 21 -0.73 12.57 3.36
C PHE A 21 -1.13 13.88 2.70
N ALA A 22 -1.16 14.92 3.53
CA ALA A 22 -1.60 16.23 3.09
C ALA A 22 -0.66 16.78 2.04
N ALA A 23 0.60 16.36 2.10
CA ALA A 23 1.61 16.80 1.16
C ALA A 23 1.37 16.20 -0.22
N LEU A 24 0.97 14.94 -0.26
CA LEU A 24 0.70 14.27 -1.51
C LEU A 24 -0.62 14.74 -2.09
N VAL A 25 -1.58 14.97 -1.23
CA VAL A 25 -2.86 15.47 -1.64
C VAL A 25 -2.70 16.89 -2.17
N ALA A 26 -1.72 17.58 -1.63
CA ALA A 26 -1.42 18.93 -2.06
C ALA A 26 -0.63 18.93 -3.36
N ALA A 27 0.06 17.84 -3.62
CA ALA A 27 0.96 17.75 -4.76
C ALA A 27 0.31 17.05 -5.95
N TYR A 28 -0.74 16.28 -5.67
CA TYR A 28 -1.40 15.51 -6.71
C TYR A 28 -2.88 15.82 -6.77
N GLY A 29 -3.60 15.42 -5.74
CA GLY A 29 -5.04 15.66 -5.71
C GLY A 29 -5.66 15.18 -4.43
N ILE A 30 -6.06 13.90 -4.41
CA ILE A 30 -6.51 13.24 -3.21
C ILE A 30 -6.83 11.79 -3.56
N TYR A 31 -7.33 11.59 -4.77
CA TYR A 31 -7.83 10.30 -5.18
C TYR A 31 -6.68 9.32 -5.28
N ALA A 32 -5.65 9.70 -6.03
CA ALA A 32 -4.48 8.86 -6.28
C ALA A 32 -3.79 8.55 -4.98
N VAL A 33 -3.84 9.51 -4.09
CA VAL A 33 -3.28 9.36 -2.77
C VAL A 33 -3.97 8.23 -2.03
N THR A 34 -5.26 8.38 -1.78
CA THR A 34 -6.02 7.34 -1.10
C THR A 34 -6.49 6.26 -2.10
N ARG A 35 -5.89 6.26 -3.28
CA ARG A 35 -6.25 5.33 -4.35
C ARG A 35 -5.46 4.06 -4.23
N TYR A 36 -4.17 4.16 -4.45
CA TYR A 36 -3.33 2.97 -4.51
C TYR A 36 -3.13 2.37 -3.14
N GLY A 37 -3.24 3.17 -2.09
CA GLY A 37 -3.30 2.60 -0.76
C GLY A 37 -2.54 3.38 0.29
N ILE A 38 -2.36 4.69 0.10
CA ILE A 38 -1.76 5.49 1.14
C ILE A 38 -2.69 5.50 2.35
N LYS A 39 -2.16 5.79 3.50
CA LYS A 39 -3.02 5.98 4.64
C LYS A 39 -2.58 7.15 5.50
N LYS A 40 -3.55 8.01 5.85
CA LYS A 40 -3.31 9.18 6.66
C LYS A 40 -3.25 8.81 8.15
N ALA A 41 -2.34 7.91 8.47
CA ALA A 41 -2.10 7.47 9.84
C ALA A 41 -3.36 6.95 10.53
N ARG A 42 -4.19 6.25 9.79
CA ARG A 42 -5.41 5.69 10.36
C ARG A 42 -5.55 4.20 10.05
N THR A 43 -4.42 3.59 9.65
CA THR A 43 -4.38 2.16 9.31
C THR A 43 -5.18 1.85 8.05
N ARG A 44 -4.46 1.46 7.00
CA ARG A 44 -5.06 1.05 5.75
C ARG A 44 -5.96 -0.16 5.96
N ASN A 45 -5.34 -1.22 6.47
CA ASN A 45 -6.01 -2.50 6.67
C ASN A 45 -5.23 -3.33 7.69
N ASP A 46 -5.95 -4.14 8.47
CA ASP A 46 -5.32 -4.91 9.55
C ASP A 46 -4.69 -6.18 9.00
N SER A 47 -4.77 -6.33 7.69
CA SER A 47 -4.12 -7.43 7.00
C SER A 47 -2.63 -7.44 7.33
N HIS A 48 -1.95 -8.54 7.06
CA HIS A 48 -0.57 -8.72 7.51
C HIS A 48 0.36 -8.82 6.31
N GLN A 49 1.66 -8.65 6.53
CA GLN A 49 2.63 -8.70 5.45
C GLN A 49 3.21 -10.09 5.26
N CYS A 50 3.65 -10.34 4.04
CA CYS A 50 4.38 -11.56 3.73
C CYS A 50 5.74 -11.19 3.13
N ALA A 51 6.76 -11.97 3.47
CA ALA A 51 8.14 -11.71 3.02
C ALA A 51 8.67 -10.40 3.59
N ASN A 52 7.83 -9.77 4.42
CA ASN A 52 8.07 -8.45 5.04
C ASN A 52 8.73 -7.44 4.10
N ASN A 53 8.52 -7.60 2.79
CA ASN A 53 9.15 -6.74 1.81
C ASN A 53 8.47 -6.85 0.46
N ARG A 54 8.26 -8.09 0.00
CA ARG A 54 7.66 -8.33 -1.31
C ARG A 54 6.29 -7.69 -1.44
N GLY A 55 5.38 -8.08 -0.58
CA GLY A 55 4.03 -7.59 -0.67
C GLY A 55 3.31 -7.61 0.66
N TRP A 56 1.99 -7.57 0.60
CA TRP A 56 1.18 -7.53 1.79
C TRP A 56 -0.03 -8.43 1.61
N CYS A 57 -0.22 -9.35 2.55
CA CYS A 57 -1.33 -10.26 2.52
C CYS A 57 -2.63 -9.51 2.78
N ARG A 58 -3.46 -9.39 1.75
CA ARG A 58 -4.70 -8.63 1.82
C ARG A 58 -5.85 -9.50 1.38
N LYS A 59 -7.06 -9.03 1.56
CA LYS A 59 -8.25 -9.83 1.31
C LYS A 59 -8.56 -9.94 -0.17
N SER A 60 -8.05 -9.01 -0.95
CA SER A 60 -8.32 -8.97 -2.37
C SER A 60 -7.58 -7.80 -3.01
N CYS A 61 -7.20 -7.97 -4.27
CA CYS A 61 -6.56 -6.91 -5.03
C CYS A 61 -7.61 -5.91 -5.50
N PHE A 62 -7.31 -4.63 -5.31
CA PHE A 62 -8.34 -3.60 -5.38
C PHE A 62 -8.62 -3.15 -6.81
N GLY A 63 -7.77 -3.57 -7.71
CA GLY A 63 -7.88 -3.18 -9.10
C GLY A 63 -6.58 -2.63 -9.63
N HIS A 64 -5.73 -2.24 -8.69
CA HIS A 64 -4.41 -1.72 -9.03
C HIS A 64 -3.34 -2.58 -8.37
N GLU A 65 -3.70 -3.84 -8.16
CA GLU A 65 -2.79 -4.83 -7.59
C GLU A 65 -2.84 -6.10 -8.43
N TYR A 66 -2.14 -7.12 -7.96
CA TYR A 66 -2.22 -8.45 -8.50
C TYR A 66 -1.78 -9.44 -7.42
N ILE A 67 -2.45 -10.58 -7.34
CA ILE A 67 -2.15 -11.54 -6.29
C ILE A 67 -0.82 -12.21 -6.57
N ASP A 68 0.13 -12.03 -5.68
CA ASP A 68 1.38 -12.74 -5.75
C ASP A 68 1.38 -13.81 -4.69
N TRP A 69 1.76 -15.00 -5.09
CA TRP A 69 1.63 -16.14 -4.23
C TRP A 69 2.95 -16.47 -3.58
N TYR A 70 3.28 -17.75 -3.52
CA TYR A 70 4.42 -18.29 -2.74
C TYR A 70 4.11 -18.09 -1.27
N TYR A 71 3.82 -16.85 -0.97
CA TYR A 71 3.59 -16.36 0.37
C TYR A 71 2.11 -16.37 0.74
N THR A 72 1.24 -16.21 -0.26
CA THR A 72 -0.20 -16.16 -0.02
C THR A 72 -0.70 -17.39 0.76
N ASP A 73 0.03 -18.49 0.65
CA ASP A 73 -0.38 -19.75 1.23
C ASP A 73 0.39 -19.98 2.55
N VAL A 74 1.46 -19.21 2.73
CA VAL A 74 2.20 -19.23 4.00
C VAL A 74 1.43 -18.37 4.99
N CYS A 75 0.75 -17.38 4.43
CA CYS A 75 -0.21 -16.60 5.15
C CYS A 75 -1.50 -17.40 5.27
N GLY A 76 -1.81 -18.14 4.22
CA GLY A 76 -2.94 -19.05 4.24
C GLY A 76 -4.26 -18.37 3.94
N SER A 77 -4.63 -17.40 4.77
CA SER A 77 -5.94 -16.79 4.67
C SER A 77 -5.94 -15.63 3.69
N PHE A 78 -4.83 -14.90 3.63
CA PHE A 78 -4.80 -13.70 2.84
C PHE A 78 -4.09 -13.86 1.52
N TYR A 79 -4.32 -12.86 0.69
CA TYR A 79 -3.78 -12.78 -0.64
C TYR A 79 -2.67 -11.74 -0.69
N CYS A 80 -1.44 -12.17 -0.87
CA CYS A 80 -0.32 -11.24 -0.92
C CYS A 80 -0.34 -10.45 -2.22
N CYS A 81 -1.15 -9.41 -2.23
CA CYS A 81 -1.31 -8.58 -3.39
C CYS A 81 -0.13 -7.64 -3.54
N ARG A 82 0.43 -7.61 -4.73
CA ARG A 82 1.51 -6.71 -5.06
C ARG A 82 1.00 -5.69 -6.07
N PRO A 83 0.90 -4.42 -5.66
CA PRO A 83 0.39 -3.35 -6.52
C PRO A 83 1.12 -3.27 -7.85
N ARG A 84 0.35 -3.24 -8.94
CA ARG A 84 0.90 -3.18 -10.28
C ARG A 84 1.49 -1.80 -10.58
N ASN A 85 0.96 -0.80 -9.87
CA ASN A 85 1.42 0.58 -9.97
C ASN A 85 2.76 0.75 -9.23
CD2 NLW A 86 3.43 -0.29 -4.86
CG NLW A 86 3.23 1.05 -5.58
CD1 NLW A 86 1.80 1.14 -6.09
CB NLW A 86 4.28 1.16 -6.70
CA NLW A 86 4.09 2.23 -7.78
N NLW A 86 2.94 1.93 -8.64
C NLW A 86 5.36 2.35 -8.63
O NLW A 86 6.14 1.41 -8.73
NH2 NLW A 86 5.56 3.52 -9.23
H2 NLW A 86 2.73 -0.36 -4.05
H1 NLW A 86 3.26 -1.10 -5.56
H3 NLW A 86 4.44 -0.35 -4.49
H4 NLW A 86 3.39 1.83 -4.86
H5 NLW A 86 1.12 1.04 -5.26
H6 NLW A 86 1.62 0.36 -6.82
H7 NLW A 86 1.66 2.11 -6.55
H8 NLW A 86 5.23 1.37 -6.21
H9 NLW A 86 4.37 0.20 -7.17
H10 NLW A 86 3.91 3.18 -7.31
H11 NLW A 86 2.30 2.65 -8.80
H14 NLW A 86 4.88 4.24 -9.10
H15 NLW A 86 6.37 3.64 -9.78
N TRP A 1 15.20 10.66 -0.14
CA TRP A 1 13.89 10.63 0.54
C TRP A 1 14.09 10.43 2.05
N ALA A 2 14.98 9.49 2.42
CA ALA A 2 15.19 9.02 3.80
C ALA A 2 13.93 8.38 4.38
N GLN A 3 12.87 9.16 4.44
CA GLN A 3 11.56 8.66 4.79
C GLN A 3 10.77 8.58 3.53
N ALA A 4 10.10 7.47 3.36
CA ALA A 4 9.23 7.28 2.22
C ALA A 4 8.20 8.39 2.18
N LEU A 5 8.57 9.44 1.48
CA LEU A 5 7.84 10.67 1.46
C LEU A 5 6.64 10.58 0.55
N LEU A 6 6.45 9.41 0.01
CA LEU A 6 5.56 9.21 -1.09
C LEU A 6 5.25 7.72 -1.22
N PRO A 7 4.64 7.14 -0.16
CA PRO A 7 4.64 5.71 0.11
C PRO A 7 3.51 4.95 -0.56
N ILE A 8 3.42 5.01 -1.87
CA ILE A 8 2.35 4.33 -2.57
C ILE A 8 2.62 4.12 -4.07
N TRP A 9 2.08 4.97 -4.95
CA TRP A 9 2.23 4.84 -6.42
C TRP A 9 3.69 4.91 -6.89
N THR A 10 4.63 4.69 -5.98
CA THR A 10 6.04 4.64 -6.34
C THR A 10 6.78 3.68 -5.38
N TYR A 11 6.31 3.59 -4.13
CA TYR A 11 6.88 2.65 -3.17
C TYR A 11 5.96 1.42 -3.04
N THR A 12 4.93 1.54 -2.21
CA THR A 12 3.95 0.49 -2.02
C THR A 12 2.56 1.06 -1.81
N GLN A 13 2.09 1.00 -0.57
CA GLN A 13 0.81 1.58 -0.15
C GLN A 13 0.78 1.58 1.39
N NLE A 14 1.53 2.47 2.00
CA NLE A 14 1.77 2.39 3.43
C NLE A 14 1.04 3.48 4.21
O NLE A 14 0.56 4.47 3.64
CB NLE A 14 3.26 2.48 3.75
CG NLE A 14 4.09 1.35 3.13
CD NLE A 14 3.63 -0.01 3.63
CE NLE A 14 3.92 -0.19 5.11
H NLE A 14 1.93 3.20 1.47
HA NLE A 14 1.41 1.44 3.77
HB2 NLE A 14 3.40 2.45 4.82
HB3 NLE A 14 3.64 3.42 3.38
HG2 NLE A 14 5.12 1.50 3.39
HG3 NLE A 14 3.96 1.38 2.06
HD2 NLE A 14 4.16 -0.77 3.08
HD3 NLE A 14 2.58 -0.12 3.48
HE1 NLE A 14 3.11 -0.61 5.70
HE2 NLE A 14 4.31 0.65 5.65
HE3 NLE A 14 4.52 -1.05 5.37
N THR A 15 0.96 3.27 5.51
CA THR A 15 0.39 4.25 6.42
C THR A 15 1.51 5.06 7.05
N VAL A 16 1.33 6.37 7.12
CA VAL A 16 2.37 7.22 7.70
C VAL A 16 1.78 8.27 8.60
N SER A 17 1.51 9.42 8.06
CA SER A 17 1.07 10.53 8.85
C SER A 17 0.24 11.47 8.02
N ALA A 18 -0.58 12.22 8.68
CA ALA A 18 -1.41 13.23 8.03
C ALA A 18 -0.55 14.25 7.26
N PRO A 19 0.50 14.83 7.88
CA PRO A 19 1.43 15.73 7.20
C PRO A 19 2.02 15.11 5.93
N LEU A 20 2.24 13.81 5.98
CA LEU A 20 2.81 13.09 4.85
C LEU A 20 1.76 12.96 3.77
N PHE A 21 0.56 12.58 4.19
CA PHE A 21 -0.56 12.37 3.28
C PHE A 21 -0.89 13.65 2.54
N ALA A 22 -0.98 14.73 3.30
CA ALA A 22 -1.37 16.02 2.76
C ALA A 22 -0.33 16.52 1.77
N ALA A 23 0.89 16.03 1.92
CA ALA A 23 1.97 16.39 1.01
C ALA A 23 1.80 15.72 -0.34
N LEU A 24 1.35 14.48 -0.32
CA LEU A 24 1.18 13.71 -1.54
C LEU A 24 -0.06 14.16 -2.28
N VAL A 25 -1.09 14.50 -1.54
CA VAL A 25 -2.32 14.99 -2.14
C VAL A 25 -2.07 16.34 -2.76
N ALA A 26 -1.13 17.05 -2.17
CA ALA A 26 -0.80 18.40 -2.63
C ALA A 26 0.10 18.36 -3.85
N ALA A 27 0.89 17.31 -3.98
CA ALA A 27 1.82 17.19 -5.08
C ALA A 27 1.22 16.41 -6.24
N TYR A 28 0.45 15.38 -5.91
CA TYR A 28 -0.09 14.49 -6.92
C TYR A 28 -1.59 14.67 -7.08
N GLY A 29 -2.33 14.34 -6.04
CA GLY A 29 -3.75 14.36 -6.12
C GLY A 29 -4.37 13.29 -5.25
N ILE A 30 -5.31 13.70 -4.43
CA ILE A 30 -5.99 12.82 -3.46
C ILE A 30 -6.40 11.49 -4.09
N TYR A 31 -6.80 11.54 -5.36
CA TYR A 31 -7.44 10.42 -6.00
C TYR A 31 -6.50 9.23 -6.06
N ALA A 32 -5.22 9.49 -6.35
CA ALA A 32 -4.20 8.45 -6.52
C ALA A 32 -3.65 8.08 -5.16
N VAL A 33 -3.56 9.08 -4.31
CA VAL A 33 -3.09 8.90 -2.94
C VAL A 33 -3.95 7.87 -2.22
N THR A 34 -5.24 8.09 -2.18
CA THR A 34 -6.16 7.16 -1.55
C THR A 34 -6.72 6.17 -2.58
N ARG A 35 -6.09 6.14 -3.75
CA ARG A 35 -6.45 5.20 -4.79
C ARG A 35 -5.84 3.85 -4.52
N TYR A 36 -4.54 3.84 -4.43
CA TYR A 36 -3.80 2.60 -4.43
C TYR A 36 -3.65 2.00 -3.04
N GLY A 37 -3.57 2.82 -2.01
CA GLY A 37 -3.59 2.26 -0.67
C GLY A 37 -2.75 3.00 0.37
N ILE A 38 -2.49 4.28 0.16
CA ILE A 38 -1.83 5.08 1.19
C ILE A 38 -2.73 5.14 2.41
N LYS A 39 -2.20 5.61 3.53
CA LYS A 39 -3.06 5.87 4.66
C LYS A 39 -2.61 7.10 5.44
N LYS A 40 -3.59 7.96 5.78
CA LYS A 40 -3.33 9.17 6.54
C LYS A 40 -3.23 8.87 8.03
N ALA A 41 -2.41 7.89 8.37
CA ALA A 41 -2.16 7.47 9.75
C ALA A 41 -3.45 7.14 10.49
N ARG A 42 -4.36 6.46 9.83
CA ARG A 42 -5.60 6.03 10.48
C ARG A 42 -5.80 4.53 10.33
N THR A 43 -4.73 3.84 9.95
CA THR A 43 -4.77 2.38 9.80
C THR A 43 -5.61 1.95 8.59
N ARG A 44 -5.09 1.02 7.81
CA ARG A 44 -5.80 0.46 6.68
C ARG A 44 -6.78 -0.61 7.16
N ASN A 45 -6.24 -1.79 7.48
CA ASN A 45 -7.05 -2.89 7.99
C ASN A 45 -6.23 -3.68 9.00
N ASP A 46 -6.68 -4.89 9.31
CA ASP A 46 -5.95 -5.78 10.19
C ASP A 46 -4.90 -6.56 9.40
N SER A 47 -5.04 -6.50 8.08
CA SER A 47 -4.13 -7.11 7.12
C SER A 47 -2.65 -6.91 7.49
N HIS A 48 -1.82 -7.92 7.20
CA HIS A 48 -0.40 -7.89 7.56
C HIS A 48 0.45 -7.67 6.32
N GLN A 49 1.75 -7.47 6.51
CA GLN A 49 2.67 -7.31 5.38
C GLN A 49 3.19 -8.65 4.88
N CYS A 50 3.71 -8.62 3.66
CA CYS A 50 4.36 -9.77 3.06
C CYS A 50 5.60 -9.32 2.29
N ALA A 51 6.74 -9.95 2.58
CA ALA A 51 8.03 -9.55 2.02
C ALA A 51 8.43 -8.17 2.54
N ASN A 52 7.57 -7.62 3.40
CA ASN A 52 7.74 -6.31 4.01
C ASN A 52 8.04 -5.22 2.96
N ASN A 53 7.67 -5.46 1.71
CA ASN A 53 7.94 -4.50 0.63
C ASN A 53 7.35 -4.94 -0.71
N ARG A 54 7.39 -6.24 -0.99
CA ARG A 54 6.90 -6.73 -2.28
C ARG A 54 5.41 -6.44 -2.45
N GLY A 55 4.65 -6.66 -1.39
CA GLY A 55 3.24 -6.38 -1.41
C GLY A 55 2.67 -6.32 -0.01
N TRP A 56 1.36 -6.42 0.10
CA TRP A 56 0.71 -6.44 1.40
C TRP A 56 -0.34 -7.53 1.45
N CYS A 57 -0.33 -8.30 2.53
CA CYS A 57 -1.29 -9.35 2.75
C CYS A 57 -2.69 -8.76 2.93
N ARG A 58 -3.53 -8.93 1.92
CA ARG A 58 -4.85 -8.32 1.91
C ARG A 58 -5.91 -9.36 1.57
N LYS A 59 -7.12 -9.09 1.99
CA LYS A 59 -8.20 -10.07 1.92
C LYS A 59 -8.79 -10.13 0.52
N SER A 60 -8.35 -9.20 -0.31
CA SER A 60 -8.76 -9.14 -1.71
C SER A 60 -8.08 -7.95 -2.37
N CYS A 61 -7.68 -8.14 -3.61
CA CYS A 61 -6.95 -7.11 -4.34
C CYS A 61 -7.92 -6.19 -5.05
N PHE A 62 -7.60 -4.91 -5.04
CA PHE A 62 -8.47 -3.89 -5.61
C PHE A 62 -8.34 -3.87 -7.12
N GLY A 63 -9.07 -2.96 -7.77
CA GLY A 63 -9.01 -2.82 -9.21
C GLY A 63 -7.76 -2.11 -9.69
N HIS A 64 -6.64 -2.42 -9.05
CA HIS A 64 -5.36 -1.83 -9.41
C HIS A 64 -4.22 -2.69 -8.85
N GLU A 65 -4.51 -3.96 -8.62
CA GLU A 65 -3.56 -4.84 -7.96
C GLU A 65 -3.52 -6.21 -8.62
N TYR A 66 -2.68 -7.07 -8.10
CA TYR A 66 -2.61 -8.47 -8.51
C TYR A 66 -2.05 -9.28 -7.35
N ILE A 67 -2.44 -10.54 -7.27
CA ILE A 67 -2.00 -11.38 -6.17
C ILE A 67 -0.62 -11.98 -6.48
N ASP A 68 0.30 -11.80 -5.54
CA ASP A 68 1.69 -12.22 -5.67
C ASP A 68 1.85 -13.71 -5.48
N TRP A 69 1.04 -14.19 -4.58
CA TRP A 69 0.94 -15.59 -4.18
C TRP A 69 2.14 -16.21 -3.52
N TYR A 70 3.36 -15.91 -3.99
CA TYR A 70 4.54 -16.51 -3.36
C TYR A 70 4.43 -16.30 -1.86
N TYR A 71 3.91 -15.14 -1.52
CA TYR A 71 3.72 -14.75 -0.14
C TYR A 71 2.28 -15.00 0.36
N THR A 72 1.34 -15.22 -0.55
CA THR A 72 -0.06 -15.47 -0.16
C THR A 72 -0.16 -16.73 0.71
N ASP A 73 0.75 -17.65 0.49
CA ASP A 73 0.72 -18.94 1.14
C ASP A 73 1.62 -18.92 2.36
N VAL A 74 2.57 -17.99 2.37
CA VAL A 74 3.44 -17.81 3.52
C VAL A 74 2.63 -17.11 4.58
N CYS A 75 1.70 -16.32 4.11
CA CYS A 75 0.70 -15.70 4.95
C CYS A 75 -0.42 -16.69 5.22
N GLY A 76 -0.72 -17.50 4.22
CA GLY A 76 -1.71 -18.54 4.38
C GLY A 76 -3.12 -18.07 4.06
N SER A 77 -3.68 -17.25 4.93
CA SER A 77 -5.03 -16.74 4.74
C SER A 77 -5.05 -15.55 3.81
N PHE A 78 -4.13 -14.61 4.01
CA PHE A 78 -4.15 -13.38 3.26
C PHE A 78 -3.51 -13.53 1.89
N TYR A 79 -3.98 -12.68 1.00
CA TYR A 79 -3.48 -12.61 -0.35
C TYR A 79 -2.45 -11.49 -0.45
N CYS A 80 -1.25 -11.83 -0.87
CA CYS A 80 -0.23 -10.81 -1.02
C CYS A 80 -0.56 -9.95 -2.23
N CYS A 81 -1.25 -8.84 -2.01
CA CYS A 81 -1.67 -7.99 -3.09
C CYS A 81 -0.59 -6.98 -3.44
N ARG A 82 -0.15 -7.07 -4.69
CA ARG A 82 0.83 -6.15 -5.22
C ARG A 82 0.17 -5.25 -6.25
N PRO A 83 -0.01 -3.97 -5.94
CA PRO A 83 -0.50 -2.99 -6.89
C PRO A 83 0.30 -3.00 -8.18
N ARG A 84 -0.42 -2.99 -9.30
CA ARG A 84 0.19 -3.11 -10.62
C ARG A 84 0.95 -1.84 -11.00
N ASN A 85 0.57 -0.74 -10.39
CA ASN A 85 1.29 0.53 -10.52
C ASN A 85 2.53 0.53 -9.62
CD2 NLW A 86 3.20 -0.50 -5.12
CG NLW A 86 3.07 0.77 -5.94
CD1 NLW A 86 1.65 0.92 -6.44
CB NLW A 86 4.11 0.77 -7.06
CA NLW A 86 4.02 1.86 -8.15
N NLW A 86 2.87 1.69 -9.05
C NLW A 86 5.32 1.89 -8.95
O NLW A 86 5.92 2.96 -9.14
NH2 NLW A 86 5.77 0.74 -9.40
H2 NLW A 86 4.22 -0.59 -4.76
H1 NLW A 86 2.52 -0.47 -4.29
H3 NLW A 86 2.97 -1.35 -5.74
H4 NLW A 86 3.27 1.61 -5.28
H5 NLW A 86 1.49 0.21 -7.23
H6 NLW A 86 1.50 1.91 -6.81
H7 NLW A 86 0.97 0.72 -5.63
H8 NLW A 86 5.07 0.88 -6.60
H9 NLW A 86 4.07 -0.19 -7.54
H10 NLW A 86 3.89 2.82 -7.66
H11 NLW A 86 2.36 2.49 -9.27
H14 NLW A 86 5.24 -0.09 -9.22
H15 NLW A 86 6.62 0.71 -9.92
N TRP A 1 13.51 9.06 -2.11
CA TRP A 1 13.58 10.16 -1.13
C TRP A 1 14.47 9.77 0.05
N ALA A 2 14.92 10.78 0.81
CA ALA A 2 15.70 10.56 2.02
C ALA A 2 15.04 9.49 2.88
N GLN A 3 13.84 9.78 3.33
CA GLN A 3 13.02 8.79 3.96
C GLN A 3 12.01 8.30 2.97
N ALA A 4 11.19 7.40 3.43
CA ALA A 4 10.17 6.86 2.59
C ALA A 4 8.86 7.59 2.82
N LEU A 5 8.82 8.82 2.30
CA LEU A 5 7.58 9.50 2.07
C LEU A 5 6.87 8.79 0.93
N LEU A 6 6.09 9.55 0.16
CA LEU A 6 5.49 9.12 -1.11
C LEU A 6 5.18 7.60 -1.17
N PRO A 7 4.60 7.03 -0.09
CA PRO A 7 4.68 5.60 0.18
C PRO A 7 3.61 4.80 -0.53
N ILE A 8 3.56 4.90 -1.84
CA ILE A 8 2.49 4.26 -2.57
C ILE A 8 2.76 4.10 -4.08
N TRP A 9 2.15 4.92 -4.94
CA TRP A 9 2.24 4.78 -6.40
C TRP A 9 3.70 4.72 -6.92
N THR A 10 4.66 5.10 -6.09
CA THR A 10 6.05 5.02 -6.49
C THR A 10 6.85 4.05 -5.60
N TYR A 11 6.39 3.83 -4.36
CA TYR A 11 7.00 2.84 -3.49
C TYR A 11 6.10 1.62 -3.41
N THR A 12 5.15 1.63 -2.48
CA THR A 12 4.17 0.56 -2.36
C THR A 12 2.78 1.08 -1.97
N GLN A 13 2.54 1.16 -0.66
CA GLN A 13 1.25 1.64 -0.12
C GLN A 13 1.26 1.52 1.41
N NLE A 14 2.10 2.29 2.06
CA NLE A 14 2.33 2.12 3.49
C NLE A 14 1.70 3.23 4.32
O NLE A 14 1.36 4.29 3.81
CB NLE A 14 3.83 2.06 3.77
CG NLE A 14 4.53 0.87 3.12
CD NLE A 14 4.04 -0.45 3.70
CE NLE A 14 4.68 -1.64 3.01
H NLE A 14 2.55 3.02 1.58
HA NLE A 14 1.88 1.18 3.77
HB2 NLE A 14 3.98 1.99 4.84
HB3 NLE A 14 4.29 2.96 3.41
HG2 NLE A 14 5.59 0.94 3.29
HG3 NLE A 14 4.34 0.89 2.06
HD2 NLE A 14 2.95 -0.50 3.57
HD3 NLE A 14 4.28 -0.50 4.74
HE1 NLE A 14 5.75 -1.59 2.89
HE2 NLE A 14 4.26 -1.95 2.07
HE3 NLE A 14 4.80 -2.52 3.62
N THR A 15 1.56 2.94 5.61
CA THR A 15 1.06 3.91 6.56
C THR A 15 2.20 4.77 7.08
N VAL A 16 2.01 6.08 7.09
CA VAL A 16 3.07 6.97 7.55
C VAL A 16 2.53 8.04 8.46
N SER A 17 2.23 9.20 7.90
CA SER A 17 1.82 10.31 8.71
C SER A 17 0.84 11.19 7.97
N ALA A 18 0.00 11.83 8.73
CA ALA A 18 -0.96 12.78 8.19
C ALA A 18 -0.28 13.91 7.39
N PRO A 19 0.75 14.58 7.95
CA PRO A 19 1.52 15.60 7.21
C PRO A 19 1.99 15.10 5.85
N LEU A 20 2.41 13.85 5.80
CA LEU A 20 2.95 13.27 4.58
C LEU A 20 1.80 12.97 3.62
N PHE A 21 0.72 12.44 4.17
CA PHE A 21 -0.46 12.14 3.38
C PHE A 21 -0.97 13.39 2.70
N ALA A 22 -1.05 14.45 3.48
CA ALA A 22 -1.59 15.71 3.02
C ALA A 22 -0.70 16.31 1.93
N ALA A 23 0.59 16.01 2.03
CA ALA A 23 1.56 16.48 1.06
C ALA A 23 1.41 15.74 -0.27
N LEU A 24 1.04 14.47 -0.17
CA LEU A 24 0.86 13.63 -1.33
C LEU A 24 -0.44 14.00 -2.04
N VAL A 25 -1.46 14.28 -1.25
CA VAL A 25 -2.72 14.73 -1.80
C VAL A 25 -2.54 16.08 -2.45
N ALA A 26 -1.65 16.86 -1.86
CA ALA A 26 -1.39 18.22 -2.31
C ALA A 26 -0.67 18.24 -3.65
N ALA A 27 0.15 17.23 -3.89
CA ALA A 27 0.94 17.17 -5.12
C ALA A 27 0.28 16.31 -6.18
N TYR A 28 -0.30 15.19 -5.76
CA TYR A 28 -0.79 14.21 -6.71
C TYR A 28 -2.32 14.24 -6.83
N GLY A 29 -2.99 14.09 -5.69
CA GLY A 29 -4.42 14.03 -5.69
C GLY A 29 -4.90 12.95 -4.77
N ILE A 30 -5.82 13.31 -3.89
CA ILE A 30 -6.31 12.42 -2.84
C ILE A 30 -6.71 11.06 -3.41
N TYR A 31 -7.18 11.04 -4.65
CA TYR A 31 -7.80 9.87 -5.22
C TYR A 31 -6.78 8.76 -5.42
N ALA A 32 -5.57 9.12 -5.85
CA ALA A 32 -4.50 8.15 -6.12
C ALA A 32 -3.84 7.77 -4.81
N VAL A 33 -3.78 8.75 -3.92
CA VAL A 33 -3.23 8.56 -2.60
C VAL A 33 -3.97 7.45 -1.86
N THR A 34 -5.25 7.63 -1.66
CA THR A 34 -6.07 6.63 -0.97
C THR A 34 -6.55 5.55 -1.94
N ARG A 35 -6.05 5.62 -3.18
CA ARG A 35 -6.39 4.66 -4.21
C ARG A 35 -5.63 3.38 -4.01
N TYR A 36 -4.32 3.52 -4.07
CA TYR A 36 -3.45 2.37 -4.18
C TYR A 36 -3.14 1.73 -2.83
N GLY A 37 -3.29 2.48 -1.74
CA GLY A 37 -3.17 1.86 -0.43
C GLY A 37 -2.34 2.64 0.57
N ILE A 38 -2.11 3.92 0.34
CA ILE A 38 -1.45 4.77 1.34
C ILE A 38 -2.25 4.74 2.64
N LYS A 39 -1.66 5.22 3.71
CA LYS A 39 -2.42 5.43 4.90
C LYS A 39 -1.97 6.66 5.68
N LYS A 40 -2.94 7.48 6.06
CA LYS A 40 -2.71 8.70 6.80
C LYS A 40 -2.51 8.42 8.29
N ALA A 41 -1.59 7.50 8.57
CA ALA A 41 -1.26 7.10 9.94
C ALA A 41 -2.51 6.63 10.69
N ARG A 42 -3.06 5.50 10.27
CA ARG A 42 -4.24 4.95 10.94
C ARG A 42 -4.48 3.49 10.51
N THR A 43 -3.39 2.79 10.17
CA THR A 43 -3.46 1.38 9.77
C THR A 43 -4.23 1.18 8.46
N ARG A 44 -3.54 0.67 7.45
CA ARG A 44 -4.19 0.29 6.21
C ARG A 44 -4.93 -1.04 6.39
N ASN A 45 -6.08 -0.99 7.07
CA ASN A 45 -6.91 -2.18 7.30
C ASN A 45 -6.21 -3.19 8.23
N ASP A 46 -6.97 -4.10 8.80
CA ASP A 46 -6.45 -5.06 9.77
C ASP A 46 -5.47 -6.03 9.12
N SER A 47 -5.61 -6.18 7.80
CA SER A 47 -4.74 -7.05 7.02
C SER A 47 -3.26 -6.81 7.34
N HIS A 48 -2.46 -7.85 7.20
CA HIS A 48 -1.06 -7.81 7.60
C HIS A 48 -0.18 -7.73 6.36
N GLN A 49 1.11 -7.47 6.54
CA GLN A 49 2.04 -7.46 5.40
C GLN A 49 2.75 -8.78 5.23
N CYS A 50 3.29 -8.97 4.03
CA CYS A 50 4.23 -10.04 3.78
C CYS A 50 5.47 -9.45 3.14
N ALA A 51 6.65 -9.91 3.59
CA ALA A 51 7.93 -9.40 3.10
C ALA A 51 8.17 -7.96 3.57
N ASN A 52 7.10 -7.31 4.04
CA ASN A 52 7.13 -5.94 4.56
C ASN A 52 7.61 -4.94 3.51
N ASN A 53 7.53 -5.34 2.25
CA ASN A 53 7.98 -4.50 1.16
C ASN A 53 7.37 -4.95 -0.17
N ARG A 54 7.32 -6.26 -0.38
CA ARG A 54 6.78 -6.80 -1.62
C ARG A 54 5.32 -6.40 -1.81
N GLY A 55 4.48 -6.72 -0.85
CA GLY A 55 3.07 -6.38 -0.95
C GLY A 55 2.37 -6.46 0.38
N TRP A 56 1.07 -6.23 0.37
CA TRP A 56 0.31 -6.30 1.60
C TRP A 56 -0.72 -7.43 1.49
N CYS A 57 -0.69 -8.31 2.47
CA CYS A 57 -1.62 -9.41 2.54
C CYS A 57 -3.04 -8.90 2.73
N ARG A 58 -3.83 -8.93 1.67
CA ARG A 58 -5.16 -8.35 1.67
C ARG A 58 -6.20 -9.38 1.28
N LYS A 59 -7.46 -9.02 1.49
CA LYS A 59 -8.56 -9.94 1.32
C LYS A 59 -8.98 -10.01 -0.13
N SER A 60 -8.50 -9.05 -0.91
CA SER A 60 -8.78 -8.97 -2.32
C SER A 60 -8.03 -7.77 -2.90
N CYS A 61 -7.78 -7.81 -4.19
CA CYS A 61 -7.03 -6.76 -4.84
C CYS A 61 -7.96 -5.77 -5.50
N PHE A 62 -7.49 -4.54 -5.64
CA PHE A 62 -8.28 -3.49 -6.24
C PHE A 62 -8.14 -3.54 -7.76
N GLY A 63 -8.81 -2.61 -8.45
CA GLY A 63 -8.72 -2.57 -9.90
C GLY A 63 -7.46 -1.87 -10.39
N HIS A 64 -6.34 -2.17 -9.75
CA HIS A 64 -5.06 -1.58 -10.11
C HIS A 64 -3.92 -2.45 -9.56
N GLU A 65 -4.18 -3.73 -9.40
CA GLU A 65 -3.25 -4.60 -8.71
C GLU A 65 -3.18 -5.98 -9.33
N TYR A 66 -2.39 -6.83 -8.71
CA TYR A 66 -2.28 -8.23 -9.08
C TYR A 66 -1.84 -9.02 -7.85
N ILE A 67 -2.38 -10.23 -7.69
CA ILE A 67 -2.02 -11.04 -6.53
C ILE A 67 -0.62 -11.62 -6.71
N ASP A 68 0.24 -11.38 -5.75
CA ASP A 68 1.53 -12.02 -5.76
C ASP A 68 1.58 -13.02 -4.63
N TRP A 69 2.10 -14.18 -4.92
CA TRP A 69 2.05 -15.26 -3.99
C TRP A 69 3.38 -15.43 -3.30
N TYR A 70 3.81 -16.67 -3.11
CA TYR A 70 4.92 -17.06 -2.24
C TYR A 70 4.49 -16.73 -0.82
N TYR A 71 4.25 -15.47 -0.64
CA TYR A 71 3.92 -14.85 0.62
C TYR A 71 2.45 -15.02 0.95
N THR A 72 1.61 -15.11 -0.08
CA THR A 72 0.17 -15.29 0.12
C THR A 72 -0.11 -16.55 0.96
N ASP A 73 0.83 -17.48 0.96
CA ASP A 73 0.69 -18.72 1.68
C ASP A 73 1.46 -18.68 2.99
N VAL A 74 2.44 -17.77 3.08
CA VAL A 74 3.15 -17.55 4.34
C VAL A 74 2.23 -16.80 5.27
N CYS A 75 1.37 -16.02 4.65
CA CYS A 75 0.25 -15.40 5.32
C CYS A 75 -0.89 -16.39 5.41
N GLY A 76 -1.01 -17.23 4.39
CA GLY A 76 -1.97 -18.31 4.39
C GLY A 76 -3.36 -17.86 4.00
N SER A 77 -3.93 -16.97 4.78
CA SER A 77 -5.32 -16.55 4.60
C SER A 77 -5.42 -15.31 3.72
N PHE A 78 -4.32 -14.61 3.50
CA PHE A 78 -4.40 -13.36 2.77
C PHE A 78 -3.65 -13.37 1.47
N TYR A 79 -4.14 -12.51 0.59
CA TYR A 79 -3.63 -12.33 -0.74
C TYR A 79 -2.61 -11.20 -0.75
N CYS A 80 -1.35 -11.52 -0.95
CA CYS A 80 -0.31 -10.50 -1.00
C CYS A 80 -0.39 -9.75 -2.31
N CYS A 81 -1.32 -8.80 -2.38
CA CYS A 81 -1.54 -8.04 -3.58
C CYS A 81 -0.43 -7.01 -3.79
N ARG A 82 0.14 -7.02 -4.98
CA ARG A 82 1.14 -6.04 -5.34
C ARG A 82 0.57 -5.14 -6.43
N PRO A 83 0.23 -3.90 -6.09
CA PRO A 83 -0.31 -2.93 -7.06
C PRO A 83 0.62 -2.78 -8.27
N ARG A 84 0.01 -2.71 -9.45
CA ARG A 84 0.75 -2.76 -10.71
C ARG A 84 1.45 -1.43 -11.02
N ASN A 85 0.87 -0.35 -10.56
CA ASN A 85 1.38 1.01 -10.80
C ASN A 85 2.73 1.28 -10.16
CD2 NLW A 86 2.78 -0.73 -5.00
CG NLW A 86 2.97 0.52 -5.85
CD1 NLW A 86 1.68 0.91 -6.50
CB NLW A 86 4.10 0.26 -6.85
CA NLW A 86 4.10 1.05 -8.17
N NLW A 86 2.97 0.67 -9.02
C NLW A 86 5.42 0.82 -8.89
O NLW A 86 6.14 1.77 -9.20
NH2 NLW A 86 5.76 -0.44 -9.15
H2 NLW A 86 3.74 -1.09 -4.67
H1 NLW A 86 2.17 -0.49 -4.14
H3 NLW A 86 2.28 -1.49 -5.58
H4 NLW A 86 3.26 1.33 -5.21
H5 NLW A 86 1.76 1.90 -6.92
H6 NLW A 86 0.88 0.89 -5.77
H7 NLW A 86 1.45 0.21 -7.30
H8 NLW A 86 5.02 0.49 -6.34
H9 NLW A 86 4.10 -0.80 -7.09
H10 NLW A 86 4.01 2.10 -7.95
H11 NLW A 86 2.39 -0.06 -8.74
H14 NLW A 86 5.14 -1.17 -8.88
H15 NLW A 86 6.63 -0.62 -9.62
N TRP A 1 14.55 8.03 -2.56
CA TRP A 1 14.83 9.35 -1.94
C TRP A 1 15.27 9.17 -0.49
N ALA A 2 15.82 10.22 0.10
CA ALA A 2 16.23 10.20 1.50
C ALA A 2 15.12 9.64 2.37
N GLN A 3 13.97 10.28 2.30
CA GLN A 3 12.78 9.80 2.95
C GLN A 3 11.71 9.64 1.90
N ALA A 4 10.98 8.57 2.00
CA ALA A 4 9.94 8.25 1.06
C ALA A 4 8.76 9.20 1.21
N LEU A 5 8.93 10.36 0.63
CA LEU A 5 7.89 11.37 0.56
C LEU A 5 6.83 10.95 -0.41
N LEU A 6 7.20 9.98 -1.21
CA LEU A 6 6.40 9.53 -2.31
C LEU A 6 6.06 8.05 -2.11
N PRO A 7 5.68 7.67 -0.88
CA PRO A 7 5.81 6.30 -0.39
C PRO A 7 4.65 5.42 -0.78
N ILE A 8 4.30 5.42 -2.05
CA ILE A 8 3.16 4.65 -2.47
C ILE A 8 3.08 4.43 -3.99
N TRP A 9 2.46 5.33 -4.75
CA TRP A 9 2.24 5.12 -6.19
C TRP A 9 3.55 4.96 -6.96
N THR A 10 4.66 5.41 -6.38
CA THR A 10 5.94 5.29 -7.04
C THR A 10 6.95 4.53 -6.18
N TYR A 11 6.59 4.28 -4.93
CA TYR A 11 7.41 3.45 -4.06
C TYR A 11 6.65 2.17 -3.72
N THR A 12 5.87 2.21 -2.64
CA THR A 12 5.00 1.09 -2.26
C THR A 12 3.75 1.60 -1.53
N GLN A 13 3.84 1.66 -0.22
CA GLN A 13 2.77 2.14 0.61
C GLN A 13 3.28 2.17 2.05
N NLE A 14 3.22 3.32 2.68
CA NLE A 14 3.73 3.45 4.02
C NLE A 14 2.67 3.96 4.97
O NLE A 14 1.70 4.62 4.56
CB NLE A 14 4.93 4.39 4.06
CG NLE A 14 6.14 3.86 3.29
CD NLE A 14 6.69 2.59 3.92
CE NLE A 14 7.85 2.03 3.12
H NLE A 14 2.84 4.10 2.22
HA NLE A 14 4.04 2.48 4.36
HB2 NLE A 14 5.23 4.54 5.08
HB3 NLE A 14 4.65 5.34 3.64
HG2 NLE A 14 6.91 4.62 3.29
HG3 NLE A 14 5.84 3.65 2.27
HD2 NLE A 14 5.90 1.85 3.97
HD3 NLE A 14 7.03 2.81 4.91
HE1 NLE A 14 8.38 1.21 3.58
HE2 NLE A 14 8.58 2.73 2.76
HE3 NLE A 14 7.58 1.38 2.30
N THR A 15 2.83 3.65 6.22
CA THR A 15 1.92 4.09 7.24
C THR A 15 2.50 5.27 7.99
N VAL A 16 2.05 6.47 7.63
CA VAL A 16 2.68 7.68 8.12
C VAL A 16 1.71 8.57 8.88
N SER A 17 1.39 9.72 8.33
CA SER A 17 0.73 10.75 9.09
C SER A 17 -0.12 11.60 8.20
N ALA A 18 -1.08 12.24 8.82
CA ALA A 18 -2.00 13.13 8.12
C ALA A 18 -1.28 14.31 7.43
N PRO A 19 -0.34 15.01 8.13
CA PRO A 19 0.46 16.08 7.50
C PRO A 19 1.15 15.62 6.22
N LEU A 20 1.58 14.37 6.21
CA LEU A 20 2.31 13.81 5.08
C LEU A 20 1.31 13.44 3.99
N PHE A 21 0.23 12.85 4.43
CA PHE A 21 -0.86 12.44 3.56
C PHE A 21 -1.42 13.65 2.82
N ALA A 22 -1.58 14.73 3.56
CA ALA A 22 -2.16 15.96 3.01
C ALA A 22 -1.26 16.53 1.94
N ALA A 23 0.04 16.37 2.12
CA ALA A 23 1.02 16.82 1.16
C ALA A 23 0.91 16.00 -0.12
N LEU A 24 0.62 14.72 0.05
CA LEU A 24 0.51 13.80 -1.06
C LEU A 24 -0.80 14.02 -1.80
N VAL A 25 -1.84 14.34 -1.06
CA VAL A 25 -3.12 14.65 -1.66
C VAL A 25 -3.02 15.97 -2.41
N ALA A 26 -2.20 16.86 -1.87
CA ALA A 26 -2.05 18.20 -2.43
C ALA A 26 -1.32 18.15 -3.77
N ALA A 27 -0.29 17.31 -3.85
CA ALA A 27 0.55 17.27 -5.03
C ALA A 27 0.07 16.24 -6.04
N TYR A 28 -0.50 15.16 -5.55
CA TYR A 28 -0.85 14.04 -6.41
C TYR A 28 -2.36 13.91 -6.57
N GLY A 29 -3.05 13.72 -5.45
CA GLY A 29 -4.49 13.54 -5.52
C GLY A 29 -4.95 12.46 -4.57
N ILE A 30 -5.89 12.81 -3.70
CA ILE A 30 -6.41 11.91 -2.65
C ILE A 30 -6.69 10.51 -3.18
N TYR A 31 -7.19 10.43 -4.39
CA TYR A 31 -7.71 9.20 -4.92
C TYR A 31 -6.61 8.16 -5.07
N ALA A 32 -5.40 8.64 -5.36
CA ALA A 32 -4.24 7.77 -5.58
C ALA A 32 -3.53 7.55 -4.27
N VAL A 33 -3.58 8.56 -3.41
CA VAL A 33 -2.95 8.52 -2.10
C VAL A 33 -3.54 7.38 -1.25
N THR A 34 -4.86 7.30 -1.22
CA THR A 34 -5.53 6.22 -0.49
C THR A 34 -5.95 5.11 -1.45
N ARG A 35 -5.52 5.22 -2.70
CA ARG A 35 -5.77 4.21 -3.71
C ARG A 35 -4.93 2.98 -3.44
N TYR A 36 -3.64 3.22 -3.30
CA TYR A 36 -2.69 2.15 -3.26
C TYR A 36 -2.40 1.65 -1.84
N GLY A 37 -1.96 2.52 -0.94
CA GLY A 37 -1.71 2.04 0.41
C GLY A 37 -1.11 3.06 1.39
N ILE A 38 -1.04 4.34 1.04
CA ILE A 38 -0.58 5.33 2.01
C ILE A 38 -1.64 5.56 3.09
N LYS A 39 -1.21 5.63 4.35
CA LYS A 39 -2.12 5.80 5.46
C LYS A 39 -2.08 7.21 6.02
N LYS A 40 -3.26 7.71 6.41
CA LYS A 40 -3.38 9.01 7.05
C LYS A 40 -3.61 8.81 8.54
N ALA A 41 -2.64 8.15 9.16
CA ALA A 41 -2.68 7.82 10.60
C ALA A 41 -3.64 6.66 10.87
N ARG A 42 -4.42 6.28 9.87
CA ARG A 42 -5.24 5.08 9.94
C ARG A 42 -4.80 4.09 8.88
N THR A 43 -4.20 2.98 9.32
CA THR A 43 -3.64 1.97 8.45
C THR A 43 -4.57 1.57 7.31
N ARG A 44 -3.96 1.36 6.15
CA ARG A 44 -4.65 0.99 4.90
C ARG A 44 -5.87 0.13 5.16
N ASN A 45 -5.63 -1.01 5.80
CA ASN A 45 -6.68 -1.92 6.21
C ASN A 45 -6.18 -2.72 7.41
N ASP A 46 -6.93 -3.74 7.82
CA ASP A 46 -6.48 -4.57 8.94
C ASP A 46 -5.84 -5.84 8.42
N SER A 47 -5.64 -5.90 7.12
CA SER A 47 -4.94 -6.98 6.51
C SER A 47 -3.47 -6.95 6.93
N HIS A 48 -2.72 -7.99 6.62
CA HIS A 48 -1.39 -8.15 7.19
C HIS A 48 -0.35 -8.16 6.08
N GLN A 49 0.88 -7.86 6.43
CA GLN A 49 1.95 -7.77 5.45
C GLN A 49 2.48 -9.14 5.06
N CYS A 50 3.01 -9.19 3.86
CA CYS A 50 3.69 -10.37 3.38
C CYS A 50 5.07 -9.98 2.89
N ALA A 51 6.08 -10.60 3.46
CA ALA A 51 7.49 -10.34 3.13
C ALA A 51 7.97 -9.00 3.71
N ASN A 52 7.03 -8.17 4.19
CA ASN A 52 7.34 -6.83 4.70
C ASN A 52 8.13 -6.04 3.66
N ASN A 53 7.92 -6.38 2.41
CA ASN A 53 8.71 -5.83 1.32
C ASN A 53 8.03 -6.08 -0.01
N ARG A 54 7.69 -7.35 -0.27
CA ARG A 54 6.99 -7.73 -1.49
C ARG A 54 5.71 -6.93 -1.66
N GLY A 55 4.82 -7.05 -0.68
CA GLY A 55 3.57 -6.34 -0.73
C GLY A 55 2.81 -6.46 0.56
N TRP A 56 1.49 -6.53 0.45
CA TRP A 56 0.64 -6.61 1.63
C TRP A 56 -0.49 -7.59 1.37
N CYS A 57 -0.60 -8.58 2.23
CA CYS A 57 -1.65 -9.58 2.13
C CYS A 57 -3.01 -8.96 2.44
N ARG A 58 -3.89 -8.98 1.46
CA ARG A 58 -5.19 -8.33 1.54
C ARG A 58 -6.28 -9.30 1.10
N LYS A 59 -7.52 -8.92 1.29
CA LYS A 59 -8.65 -9.83 1.08
C LYS A 59 -9.02 -9.93 -0.39
N SER A 60 -8.58 -8.94 -1.17
CA SER A 60 -8.85 -8.91 -2.59
C SER A 60 -8.13 -7.72 -3.21
N CYS A 61 -7.69 -7.90 -4.45
CA CYS A 61 -6.93 -6.89 -5.15
C CYS A 61 -7.86 -5.98 -5.95
N PHE A 62 -7.64 -4.68 -5.84
CA PHE A 62 -8.51 -3.70 -6.47
C PHE A 62 -8.19 -3.60 -7.96
N GLY A 63 -8.88 -2.69 -8.65
CA GLY A 63 -8.69 -2.53 -10.08
C GLY A 63 -7.41 -1.79 -10.42
N HIS A 64 -6.32 -2.18 -9.77
CA HIS A 64 -5.01 -1.59 -9.99
C HIS A 64 -3.95 -2.47 -9.35
N GLU A 65 -4.29 -3.74 -9.16
CA GLU A 65 -3.45 -4.66 -8.42
C GLU A 65 -3.60 -6.06 -8.96
N TYR A 66 -2.81 -6.98 -8.45
CA TYR A 66 -2.88 -8.38 -8.85
C TYR A 66 -2.47 -9.26 -7.69
N ILE A 67 -3.02 -10.47 -7.62
CA ILE A 67 -2.66 -11.37 -6.54
C ILE A 67 -1.31 -11.99 -6.82
N ASP A 68 -0.38 -11.78 -5.92
CA ASP A 68 0.91 -12.43 -6.03
C ASP A 68 0.98 -13.50 -4.95
N TRP A 69 1.46 -14.65 -5.33
CA TRP A 69 1.43 -15.79 -4.45
C TRP A 69 2.80 -16.03 -3.85
N TYR A 70 3.12 -17.30 -3.63
CA TYR A 70 4.24 -17.77 -2.79
C TYR A 70 4.00 -17.29 -1.37
N TYR A 71 3.82 -16.00 -1.26
CA TYR A 71 3.59 -15.31 -0.01
C TYR A 71 2.15 -15.43 0.47
N THR A 72 1.22 -15.55 -0.47
CA THR A 72 -0.20 -15.71 -0.14
C THR A 72 -0.44 -16.97 0.71
N ASP A 73 0.53 -17.86 0.69
CA ASP A 73 0.45 -19.13 1.39
C ASP A 73 1.37 -19.11 2.61
N VAL A 74 2.18 -18.06 2.73
CA VAL A 74 3.07 -17.94 3.88
C VAL A 74 2.33 -17.14 4.94
N CYS A 75 1.42 -16.31 4.44
CA CYS A 75 0.54 -15.56 5.29
C CYS A 75 -0.79 -16.28 5.37
N GLY A 76 -1.07 -17.10 4.34
CA GLY A 76 -2.18 -18.03 4.39
C GLY A 76 -3.54 -17.40 4.21
N SER A 77 -3.97 -16.61 5.19
CA SER A 77 -5.35 -16.15 5.24
C SER A 77 -5.61 -14.98 4.30
N PHE A 78 -4.58 -14.50 3.63
CA PHE A 78 -4.76 -13.37 2.75
C PHE A 78 -4.10 -13.52 1.42
N TYR A 79 -4.52 -12.67 0.52
CA TYR A 79 -4.01 -12.59 -0.82
C TYR A 79 -2.93 -11.53 -0.91
N CYS A 80 -1.70 -11.91 -1.20
CA CYS A 80 -0.59 -10.97 -1.29
C CYS A 80 -0.78 -10.08 -2.52
N CYS A 81 -1.55 -9.02 -2.35
CA CYS A 81 -1.80 -8.10 -3.44
C CYS A 81 -0.61 -7.20 -3.67
N ARG A 82 -0.01 -7.33 -4.84
CA ARG A 82 1.06 -6.45 -5.25
C ARG A 82 0.52 -5.54 -6.35
N PRO A 83 0.18 -4.31 -6.02
CA PRO A 83 -0.30 -3.32 -6.99
C PRO A 83 0.58 -3.24 -8.22
N ARG A 84 -0.06 -3.15 -9.38
CA ARG A 84 0.61 -3.26 -10.66
C ARG A 84 1.55 -2.08 -10.92
N ASN A 85 1.22 -0.92 -10.38
CA ASN A 85 2.08 0.24 -10.47
C ASN A 85 3.22 0.19 -9.46
CD2 NLW A 86 1.89 -0.11 -3.81
CG NLW A 86 2.44 0.48 -5.09
CD1 NLW A 86 1.31 1.02 -5.94
CB NLW A 86 3.26 -0.59 -5.81
CA NLW A 86 3.90 -0.23 -7.15
N NLW A 86 2.91 -0.19 -8.23
C NLW A 86 5.02 -1.21 -7.47
O NLW A 86 6.12 -0.82 -7.86
NH2 NLW A 86 4.74 -2.49 -7.30
H2 NLW A 86 1.54 -1.12 -4.00
H1 NLW A 86 2.66 -0.13 -3.06
H3 NLW A 86 1.05 0.49 -3.47
H4 NLW A 86 3.08 1.30 -4.83
H5 NLW A 86 0.55 0.27 -6.06
H6 NLW A 86 1.70 1.31 -6.91
H7 NLW A 86 0.88 1.88 -5.45
H8 NLW A 86 4.05 -0.89 -5.13
H9 NLW A 86 2.63 -1.46 -5.96
H10 NLW A 86 4.33 0.77 -7.07
H11 NLW A 86 1.99 -0.47 -8.03
H14 NLW A 86 3.83 -2.76 -6.97
H15 NLW A 86 5.45 -3.18 -7.48
N TRP A 1 14.10 8.76 -1.59
CA TRP A 1 14.33 9.90 -0.68
C TRP A 1 14.30 9.44 0.76
N ALA A 2 15.05 10.12 1.62
CA ALA A 2 15.17 9.74 3.03
C ALA A 2 13.80 9.49 3.65
N GLN A 3 13.02 10.55 3.77
CA GLN A 3 11.65 10.44 4.20
C GLN A 3 10.80 10.29 2.97
N ALA A 4 10.15 9.16 2.88
CA ALA A 4 9.32 8.85 1.72
C ALA A 4 8.14 9.80 1.60
N LEU A 5 8.44 10.97 1.06
CA LEU A 5 7.47 12.00 0.79
C LEU A 5 6.47 11.53 -0.23
N LEU A 6 6.85 10.52 -0.95
CA LEU A 6 6.15 10.11 -2.13
C LEU A 6 5.73 8.64 -2.00
N PRO A 7 5.15 8.27 -0.85
CA PRO A 7 5.20 6.90 -0.33
C PRO A 7 4.16 5.97 -0.92
N ILE A 8 3.73 6.24 -2.15
CA ILE A 8 2.65 5.45 -2.73
C ILE A 8 2.84 5.15 -4.22
N TRP A 9 2.33 6.01 -5.13
CA TRP A 9 2.45 5.81 -6.58
C TRP A 9 3.90 5.78 -7.09
N THR A 10 4.87 5.71 -6.20
CA THR A 10 6.26 5.53 -6.60
C THR A 10 7.04 4.68 -5.58
N TYR A 11 6.57 4.63 -4.33
CA TYR A 11 7.18 3.75 -3.33
C TYR A 11 6.31 2.53 -3.07
N THR A 12 5.33 2.68 -2.17
CA THR A 12 4.40 1.60 -1.87
C THR A 12 2.96 2.10 -1.85
N GLN A 13 2.52 2.59 -0.70
CA GLN A 13 1.16 3.12 -0.57
C GLN A 13 0.94 3.79 0.79
N NLE A 14 0.93 2.97 1.79
CA NLE A 14 0.17 3.20 3.01
C NLE A 14 0.72 4.20 4.01
O NLE A 14 1.55 5.06 3.71
CB NLE A 14 -0.03 1.84 3.67
CG NLE A 14 -1.37 1.24 3.33
CD NLE A 14 -2.51 2.10 3.86
CE NLE A 14 -3.81 1.89 3.12
H NLE A 14 1.45 2.16 1.73
HA NLE A 14 -0.79 3.54 2.70
HB2 NLE A 14 0.03 1.94 4.74
HB3 NLE A 14 0.74 1.17 3.33
HG2 NLE A 14 -1.42 0.26 3.76
HG3 NLE A 14 -1.45 1.18 2.25
HD2 NLE A 14 -2.22 3.14 3.77
HD3 NLE A 14 -2.67 1.87 4.90
HE1 NLE A 14 -4.56 1.33 3.65
HE2 NLE A 14 -3.75 1.49 2.12
HE3 NLE A 14 -4.48 2.74 3.08
N THR A 15 0.15 4.05 5.19
CA THR A 15 0.31 4.89 6.35
C THR A 15 1.66 5.53 6.53
N VAL A 16 1.64 6.86 6.67
CA VAL A 16 2.82 7.63 7.01
C VAL A 16 2.47 8.71 8.02
N SER A 17 2.04 9.85 7.52
CA SER A 17 1.66 10.94 8.38
C SER A 17 0.65 11.82 7.67
N ALA A 18 -0.23 12.38 8.45
CA ALA A 18 -1.23 13.34 7.95
C ALA A 18 -0.57 14.52 7.24
N PRO A 19 0.45 15.18 7.83
CA PRO A 19 1.21 16.24 7.15
C PRO A 19 1.72 15.80 5.79
N LEU A 20 2.13 14.55 5.71
CA LEU A 20 2.71 14.00 4.51
C LEU A 20 1.60 13.77 3.48
N PHE A 21 0.48 13.26 3.97
CA PHE A 21 -0.68 12.99 3.14
C PHE A 21 -1.16 14.26 2.49
N ALA A 22 -1.26 15.30 3.30
CA ALA A 22 -1.79 16.58 2.87
C ALA A 22 -0.90 17.19 1.80
N ALA A 23 0.39 16.88 1.89
CA ALA A 23 1.36 17.37 0.91
C ALA A 23 1.13 16.70 -0.44
N LEU A 24 0.74 15.44 -0.39
CA LEU A 24 0.58 14.65 -1.60
C LEU A 24 -0.72 14.97 -2.30
N VAL A 25 -1.77 15.20 -1.52
CA VAL A 25 -3.05 15.60 -2.08
C VAL A 25 -2.92 16.98 -2.70
N ALA A 26 -1.99 17.73 -2.17
CA ALA A 26 -1.77 19.10 -2.61
C ALA A 26 -0.97 19.13 -3.92
N ALA A 27 -0.03 18.21 -4.05
CA ALA A 27 0.85 18.20 -5.21
C ALA A 27 0.31 17.33 -6.33
N TYR A 28 -0.45 16.30 -5.97
CA TYR A 28 -0.92 15.34 -6.95
C TYR A 28 -2.43 15.36 -7.08
N GLY A 29 -3.12 15.11 -5.98
CA GLY A 29 -4.54 15.01 -6.01
C GLY A 29 -5.01 13.85 -5.17
N ILE A 30 -5.95 14.13 -4.28
CA ILE A 30 -6.48 13.15 -3.32
C ILE A 30 -6.76 11.79 -3.97
N TYR A 31 -7.19 11.81 -5.22
CA TYR A 31 -7.73 10.64 -5.84
C TYR A 31 -6.67 9.57 -5.97
N ALA A 32 -5.47 9.98 -6.38
CA ALA A 32 -4.33 9.10 -6.61
C ALA A 32 -3.69 8.75 -5.29
N VAL A 33 -3.71 9.70 -4.39
CA VAL A 33 -3.21 9.53 -3.05
C VAL A 33 -3.92 8.36 -2.36
N THR A 34 -5.24 8.46 -2.25
CA THR A 34 -6.01 7.38 -1.67
C THR A 34 -6.40 6.34 -2.74
N ARG A 35 -5.77 6.46 -3.91
CA ARG A 35 -6.02 5.56 -5.01
C ARG A 35 -5.22 4.29 -4.88
N TYR A 36 -3.91 4.46 -4.84
CA TYR A 36 -3.02 3.32 -4.85
C TYR A 36 -2.82 2.76 -3.44
N GLY A 37 -3.31 3.48 -2.45
CA GLY A 37 -3.41 2.90 -1.12
C GLY A 37 -2.62 3.62 -0.06
N ILE A 38 -2.46 4.93 -0.18
CA ILE A 38 -1.80 5.70 0.87
C ILE A 38 -2.64 5.64 2.13
N LYS A 39 -2.04 5.94 3.26
CA LYS A 39 -2.84 6.18 4.45
C LYS A 39 -2.36 7.40 5.24
N LYS A 40 -3.33 8.21 5.64
CA LYS A 40 -3.10 9.40 6.42
C LYS A 40 -2.95 9.04 7.91
N ALA A 41 -1.99 8.19 8.19
CA ALA A 41 -1.66 7.80 9.55
C ALA A 41 -2.85 7.18 10.30
N ARG A 42 -3.27 6.01 9.84
CA ARG A 42 -4.30 5.25 10.53
C ARG A 42 -3.95 3.76 10.53
N THR A 43 -4.38 3.05 9.48
CA THR A 43 -4.18 1.61 9.35
C THR A 43 -4.67 1.17 7.97
N ARG A 44 -3.96 0.23 7.34
CA ARG A 44 -4.41 -0.35 6.09
C ARG A 44 -5.52 -1.37 6.36
N ASN A 45 -5.20 -2.30 7.25
CA ASN A 45 -6.08 -3.40 7.62
C ASN A 45 -5.29 -4.34 8.54
N ASP A 46 -5.99 -5.07 9.41
CA ASP A 46 -5.34 -5.99 10.36
C ASP A 46 -4.56 -7.06 9.62
N SER A 47 -4.86 -7.20 8.33
CA SER A 47 -4.10 -8.00 7.40
C SER A 47 -2.60 -7.85 7.67
N HIS A 48 -1.85 -8.94 7.55
CA HIS A 48 -0.42 -8.92 7.87
C HIS A 48 0.39 -8.86 6.59
N GLN A 49 1.69 -8.68 6.72
CA GLN A 49 2.56 -8.64 5.56
C GLN A 49 3.07 -10.03 5.20
N CYS A 50 3.42 -10.18 3.94
CA CYS A 50 4.03 -11.41 3.45
C CYS A 50 5.36 -11.07 2.82
N ALA A 51 6.40 -11.84 3.18
CA ALA A 51 7.77 -11.56 2.76
C ALA A 51 8.26 -10.25 3.36
N ASN A 52 7.41 -9.67 4.23
CA ASN A 52 7.62 -8.37 4.87
C ASN A 52 8.30 -7.36 3.95
N ASN A 53 7.95 -7.38 2.67
CA ASN A 53 8.60 -6.54 1.68
C ASN A 53 7.91 -6.66 0.33
N ARG A 54 7.85 -7.89 -0.19
CA ARG A 54 7.36 -8.13 -1.54
C ARG A 54 5.89 -7.71 -1.67
N GLY A 55 5.07 -8.12 -0.74
CA GLY A 55 3.67 -7.78 -0.79
C GLY A 55 3.03 -7.72 0.58
N TRP A 56 1.71 -7.80 0.62
CA TRP A 56 0.98 -7.77 1.87
C TRP A 56 -0.18 -8.75 1.81
N CYS A 57 -0.38 -9.49 2.88
CA CYS A 57 -1.44 -10.48 2.96
C CYS A 57 -2.80 -9.79 3.06
N ARG A 58 -3.59 -9.87 1.99
CA ARG A 58 -4.86 -9.18 1.91
C ARG A 58 -5.95 -10.11 1.43
N LYS A 59 -7.18 -9.66 1.59
CA LYS A 59 -8.36 -10.51 1.40
C LYS A 59 -8.79 -10.52 -0.05
N SER A 60 -8.36 -9.50 -0.78
CA SER A 60 -8.68 -9.35 -2.19
C SER A 60 -7.97 -8.13 -2.74
N CYS A 61 -7.45 -8.25 -3.94
CA CYS A 61 -6.67 -7.19 -4.53
C CYS A 61 -7.57 -6.14 -5.15
N PHE A 62 -7.19 -4.89 -4.95
CA PHE A 62 -7.98 -3.77 -5.45
C PHE A 62 -7.68 -3.54 -6.92
N GLY A 63 -8.23 -2.48 -7.49
CA GLY A 63 -7.99 -2.18 -8.88
C GLY A 63 -6.54 -1.83 -9.16
N HIS A 64 -5.79 -1.55 -8.10
CA HIS A 64 -4.40 -1.15 -8.23
C HIS A 64 -3.44 -2.25 -7.77
N GLU A 65 -3.92 -3.48 -7.63
CA GLU A 65 -3.11 -4.58 -7.11
C GLU A 65 -3.38 -5.88 -7.84
N TYR A 66 -2.50 -6.85 -7.61
CA TYR A 66 -2.63 -8.18 -8.17
C TYR A 66 -2.22 -9.21 -7.12
N ILE A 67 -2.76 -10.43 -7.21
CA ILE A 67 -2.40 -11.45 -6.24
C ILE A 67 -1.04 -12.02 -6.57
N ASP A 68 -0.11 -11.86 -5.66
CA ASP A 68 1.16 -12.54 -5.75
C ASP A 68 1.09 -13.78 -4.89
N TRP A 69 1.80 -14.80 -5.30
CA TRP A 69 1.77 -16.06 -4.61
C TRP A 69 3.12 -16.33 -4.00
N TYR A 70 3.52 -17.60 -3.90
CA TYR A 70 4.70 -18.03 -3.12
C TYR A 70 4.58 -17.58 -1.66
N TYR A 71 3.50 -16.89 -1.35
CA TYR A 71 3.29 -16.30 -0.04
C TYR A 71 1.83 -16.37 0.37
N THR A 72 0.93 -16.41 -0.61
CA THR A 72 -0.50 -16.51 -0.34
C THR A 72 -0.83 -17.80 0.45
N ASP A 73 0.02 -18.79 0.31
CA ASP A 73 -0.19 -20.07 0.93
C ASP A 73 0.64 -20.18 2.20
N VAL A 74 1.68 -19.37 2.29
CA VAL A 74 2.51 -19.30 3.49
C VAL A 74 1.74 -18.51 4.53
N CYS A 75 0.95 -17.57 4.02
CA CYS A 75 0.01 -16.84 4.81
C CYS A 75 -1.23 -17.68 5.02
N GLY A 76 -1.57 -18.46 4.00
CA GLY A 76 -2.67 -19.40 4.11
C GLY A 76 -4.04 -18.75 4.05
N SER A 77 -4.32 -17.87 5.00
CA SER A 77 -5.62 -17.23 5.09
C SER A 77 -5.70 -16.04 4.15
N PHE A 78 -4.55 -15.52 3.76
CA PHE A 78 -4.52 -14.30 2.96
C PHE A 78 -3.76 -14.43 1.66
N TYR A 79 -4.02 -13.45 0.83
CA TYR A 79 -3.45 -13.33 -0.49
C TYR A 79 -2.31 -12.32 -0.48
N CYS A 80 -1.20 -12.66 -1.11
CA CYS A 80 -0.07 -11.73 -1.15
C CYS A 80 -0.29 -10.67 -2.22
N CYS A 81 -1.24 -9.80 -1.99
CA CYS A 81 -1.56 -8.75 -2.95
C CYS A 81 -0.46 -7.71 -2.99
N ARG A 82 -0.01 -7.38 -4.20
CA ARG A 82 1.01 -6.37 -4.37
C ARG A 82 0.53 -5.37 -5.41
N PRO A 83 0.63 -4.07 -5.10
CA PRO A 83 0.27 -2.99 -6.03
C PRO A 83 0.97 -3.08 -7.37
N ARG A 84 0.20 -2.93 -8.44
CA ARG A 84 0.73 -3.03 -9.80
C ARG A 84 1.42 -1.73 -10.21
N ASN A 85 0.95 -0.64 -9.66
CA ASN A 85 1.49 0.70 -9.92
C ASN A 85 2.84 0.87 -9.19
CD2 NLW A 86 3.72 0.04 -4.80
CG NLW A 86 3.46 1.31 -5.59
CD1 NLW A 86 2.02 1.34 -6.08
CB NLW A 86 4.49 1.39 -6.74
CA NLW A 86 4.26 2.41 -7.88
N NLW A 86 3.08 2.09 -8.67
C NLW A 86 5.49 2.49 -8.76
O NLW A 86 6.19 1.49 -8.98
NH2 NLW A 86 5.78 3.68 -9.28
H2 NLW A 86 3.59 -0.81 -5.43
H1 NLW A 86 4.73 0.05 -4.42
H3 NLW A 86 3.02 -0.01 -3.98
H4 NLW A 86 3.61 2.15 -4.94
H5 NLW A 86 1.85 0.51 -6.76
H6 NLW A 86 1.83 2.27 -6.60
H7 NLW A 86 1.35 1.26 -5.23
H8 NLW A 86 5.43 1.64 -6.29
H9 NLW A 86 4.56 0.41 -7.18
H10 NLW A 86 4.09 3.39 -7.43
H11 NLW A 86 2.44 2.80 -8.87
H14 NLW A 86 5.18 4.46 -9.06
H15 NLW A 86 6.57 3.78 -9.87
N TRP A 1 13.95 6.92 -1.27
CA TRP A 1 14.11 8.11 -0.42
C TRP A 1 14.57 7.70 0.99
N ALA A 2 14.91 8.68 1.84
CA ALA A 2 15.26 8.42 3.23
C ALA A 2 14.21 7.55 3.88
N GLN A 3 12.97 8.03 3.82
CA GLN A 3 11.81 7.25 4.16
C GLN A 3 10.92 7.23 2.96
N ALA A 4 9.76 6.70 3.14
CA ALA A 4 8.79 6.67 2.08
C ALA A 4 7.87 7.88 2.16
N LEU A 5 8.37 9.01 1.67
CA LEU A 5 7.60 10.24 1.58
C LEU A 5 6.59 10.18 0.45
N LEU A 6 6.25 8.99 0.04
CA LEU A 6 5.45 8.81 -1.16
C LEU A 6 5.09 7.33 -1.29
N PRO A 7 4.41 6.78 -0.27
CA PRO A 7 4.31 5.34 -0.01
C PRO A 7 3.14 4.68 -0.72
N ILE A 8 2.95 4.99 -2.00
CA ILE A 8 1.77 4.50 -2.68
C ILE A 8 1.99 4.26 -4.18
N TRP A 9 1.54 5.18 -5.05
CA TRP A 9 1.62 5.02 -6.51
C TRP A 9 3.05 4.91 -7.07
N THR A 10 4.03 4.64 -6.21
CA THR A 10 5.41 4.45 -6.65
C THR A 10 6.08 3.32 -5.85
N TYR A 11 5.59 3.08 -4.63
CA TYR A 11 6.07 1.98 -3.83
C TYR A 11 5.04 0.87 -3.80
N THR A 12 3.97 1.12 -3.06
CA THR A 12 2.85 0.20 -2.95
C THR A 12 1.57 0.95 -2.59
N GLN A 13 1.35 1.12 -1.28
CA GLN A 13 0.19 1.84 -0.73
C GLN A 13 0.11 1.56 0.78
N NLE A 14 0.77 2.39 1.58
CA NLE A 14 0.89 2.14 3.02
C NLE A 14 0.44 3.33 3.85
O NLE A 14 0.07 4.38 3.31
CB NLE A 14 2.33 1.78 3.38
CG NLE A 14 2.88 0.58 2.62
CD NLE A 14 2.15 -0.70 2.96
CE NLE A 14 2.69 -1.88 2.18
H NLE A 14 1.19 3.18 1.20
HA NLE A 14 0.25 1.29 3.25
HB2 NLE A 14 2.37 1.56 4.44
HB3 NLE A 14 2.95 2.63 3.17
HG2 NLE A 14 3.92 0.46 2.88
HG3 NLE A 14 2.80 0.76 1.57
HD2 NLE A 14 1.09 -0.57 2.72
HD3 NLE A 14 2.25 -0.91 4.01
HE1 NLE A 14 3.14 -1.65 1.23
HE2 NLE A 14 2.03 -2.72 2.04
HE3 NLE A 14 3.64 -2.26 2.52
N THR A 15 0.49 3.15 5.15
CA THR A 15 0.07 4.18 6.11
C THR A 15 1.25 4.95 6.66
N VAL A 16 1.09 6.26 6.85
CA VAL A 16 2.16 7.07 7.43
C VAL A 16 1.62 8.11 8.39
N SER A 17 1.34 9.29 7.87
CA SER A 17 0.98 10.38 8.72
C SER A 17 0.17 11.39 7.96
N ALA A 18 -0.53 12.19 8.70
CA ALA A 18 -1.29 13.30 8.14
C ALA A 18 -0.39 14.32 7.42
N PRO A 19 0.73 14.76 8.05
CA PRO A 19 1.70 15.65 7.38
C PRO A 19 2.16 15.09 6.04
N LEU A 20 2.40 13.78 6.01
CA LEU A 20 2.90 13.13 4.81
C LEU A 20 1.78 13.04 3.77
N PHE A 21 0.59 12.71 4.26
CA PHE A 21 -0.57 12.58 3.40
C PHE A 21 -0.87 13.91 2.73
N ALA A 22 -0.89 14.95 3.55
CA ALA A 22 -1.21 16.29 3.08
C ALA A 22 -0.18 16.73 2.07
N ALA A 23 1.05 16.28 2.25
CA ALA A 23 2.15 16.61 1.36
C ALA A 23 1.98 15.92 0.02
N LEU A 24 1.44 14.71 0.06
CA LEU A 24 1.22 13.93 -1.15
C LEU A 24 0.04 14.49 -1.93
N VAL A 25 -0.97 14.90 -1.21
CA VAL A 25 -2.12 15.53 -1.82
C VAL A 25 -1.72 16.89 -2.37
N ALA A 26 -0.74 17.49 -1.72
CA ALA A 26 -0.30 18.83 -2.08
C ALA A 26 0.63 18.80 -3.29
N ALA A 27 1.32 17.68 -3.48
CA ALA A 27 2.29 17.57 -4.56
C ALA A 27 1.76 16.75 -5.73
N TYR A 28 0.81 15.86 -5.47
CA TYR A 28 0.31 14.96 -6.51
C TYR A 28 -1.17 15.18 -6.78
N GLY A 29 -1.98 14.97 -5.75
CA GLY A 29 -3.41 15.09 -5.92
C GLY A 29 -4.14 14.07 -5.10
N ILE A 30 -5.05 14.54 -4.26
CA ILE A 30 -5.81 13.69 -3.33
C ILE A 30 -6.30 12.42 -3.99
N TYR A 31 -6.70 12.52 -5.24
CA TYR A 31 -7.41 11.45 -5.91
C TYR A 31 -6.54 10.21 -6.04
N ALA A 32 -5.25 10.41 -6.30
CA ALA A 32 -4.30 9.31 -6.50
C ALA A 32 -3.81 8.84 -5.15
N VAL A 33 -3.76 9.78 -4.22
CA VAL A 33 -3.36 9.52 -2.85
C VAL A 33 -4.33 8.55 -2.19
N THR A 34 -5.61 8.86 -2.24
CA THR A 34 -6.62 7.97 -1.68
C THR A 34 -7.19 7.05 -2.78
N ARG A 35 -6.49 6.99 -3.89
CA ARG A 35 -6.83 6.09 -4.99
C ARG A 35 -6.32 4.70 -4.72
N TYR A 36 -5.01 4.60 -4.65
CA TYR A 36 -4.37 3.31 -4.56
C TYR A 36 -4.46 2.71 -3.16
N GLY A 37 -3.97 3.41 -2.15
CA GLY A 37 -4.11 2.90 -0.81
C GLY A 37 -3.19 3.50 0.21
N ILE A 38 -2.89 4.78 0.09
CA ILE A 38 -2.17 5.48 1.15
C ILE A 38 -3.03 5.47 2.39
N LYS A 39 -2.49 5.88 3.51
CA LYS A 39 -3.31 6.11 4.67
C LYS A 39 -2.77 7.25 5.52
N LYS A 40 -3.67 8.16 5.88
CA LYS A 40 -3.33 9.34 6.67
C LYS A 40 -3.18 9.00 8.14
N ALA A 41 -2.40 7.97 8.42
CA ALA A 41 -2.16 7.48 9.77
C ALA A 41 -3.46 7.09 10.47
N ARG A 42 -4.13 6.09 9.92
CA ARG A 42 -5.29 5.50 10.55
C ARG A 42 -5.35 4.02 10.17
N THR A 43 -4.20 3.50 9.75
CA THR A 43 -4.05 2.11 9.35
C THR A 43 -4.82 1.81 8.05
N ARG A 44 -4.11 1.26 7.07
CA ARG A 44 -4.69 0.89 5.79
C ARG A 44 -5.74 -0.20 6.01
N ASN A 45 -5.37 -1.20 6.82
CA ASN A 45 -6.25 -2.33 7.12
C ASN A 45 -5.64 -3.18 8.24
N ASP A 46 -6.42 -4.15 8.72
CA ASP A 46 -5.93 -5.06 9.75
C ASP A 46 -5.10 -6.15 9.10
N SER A 47 -5.20 -6.23 7.78
CA SER A 47 -4.43 -7.17 7.00
C SER A 47 -2.94 -6.99 7.28
N HIS A 48 -2.17 -8.04 7.06
CA HIS A 48 -0.77 -8.07 7.51
C HIS A 48 0.16 -7.93 6.30
N GLN A 49 1.46 -7.88 6.55
CA GLN A 49 2.43 -7.82 5.47
C GLN A 49 3.02 -9.18 5.16
N CYS A 50 3.64 -9.26 3.99
CA CYS A 50 4.38 -10.44 3.58
C CYS A 50 5.61 -9.99 2.81
N ALA A 51 6.77 -10.57 3.16
CA ALA A 51 8.07 -10.12 2.65
C ALA A 51 8.43 -8.74 3.22
N ASN A 52 7.44 -8.13 3.87
CA ASN A 52 7.58 -6.88 4.58
C ASN A 52 7.97 -5.72 3.67
N ASN A 53 7.82 -5.90 2.37
CA ASN A 53 8.17 -4.86 1.41
C ASN A 53 7.58 -5.15 0.04
N ARG A 54 7.62 -6.42 -0.36
CA ARG A 54 7.07 -6.85 -1.65
C ARG A 54 5.62 -6.42 -1.81
N GLY A 55 4.78 -6.93 -0.92
CA GLY A 55 3.38 -6.63 -1.00
C GLY A 55 2.74 -6.64 0.37
N TRP A 56 1.42 -6.69 0.39
CA TRP A 56 0.69 -6.70 1.62
C TRP A 56 -0.38 -7.77 1.57
N CYS A 57 -0.40 -8.59 2.60
CA CYS A 57 -1.40 -9.63 2.74
C CYS A 57 -2.79 -9.01 2.83
N ARG A 58 -3.61 -9.22 1.82
CA ARG A 58 -4.95 -8.66 1.78
C ARG A 58 -5.95 -9.74 1.41
N LYS A 59 -7.22 -9.46 1.65
CA LYS A 59 -8.29 -10.44 1.46
C LYS A 59 -8.69 -10.54 0.00
N SER A 60 -8.37 -9.50 -0.74
CA SER A 60 -8.69 -9.44 -2.15
C SER A 60 -8.10 -8.16 -2.73
N CYS A 61 -7.53 -8.29 -3.90
CA CYS A 61 -6.77 -7.20 -4.49
C CYS A 61 -7.70 -6.22 -5.20
N PHE A 62 -7.36 -4.94 -5.10
CA PHE A 62 -8.16 -3.88 -5.69
C PHE A 62 -7.97 -3.86 -7.21
N GLY A 63 -8.68 -2.98 -7.89
CA GLY A 63 -8.57 -2.89 -9.34
C GLY A 63 -7.30 -2.18 -9.79
N HIS A 64 -6.23 -2.41 -9.05
CA HIS A 64 -4.92 -1.84 -9.36
C HIS A 64 -3.82 -2.67 -8.70
N GLU A 65 -4.08 -3.97 -8.59
CA GLU A 65 -3.17 -4.88 -7.91
C GLU A 65 -3.13 -6.22 -8.63
N TYR A 66 -2.44 -7.18 -8.03
CA TYR A 66 -2.44 -8.56 -8.48
C TYR A 66 -1.93 -9.44 -7.34
N ILE A 67 -2.41 -10.67 -7.28
CA ILE A 67 -1.99 -11.56 -6.20
C ILE A 67 -0.59 -12.07 -6.48
N ASP A 68 0.34 -11.66 -5.65
CA ASP A 68 1.69 -12.19 -5.69
C ASP A 68 1.76 -13.35 -4.73
N TRP A 69 2.30 -14.45 -5.19
CA TRP A 69 2.38 -15.62 -4.36
C TRP A 69 3.76 -15.76 -3.78
N TYR A 70 4.23 -16.99 -3.65
CA TYR A 70 5.44 -17.35 -2.88
C TYR A 70 5.15 -17.06 -1.42
N TYR A 71 4.79 -15.82 -1.20
CA TYR A 71 4.54 -15.24 0.09
C TYR A 71 3.10 -15.47 0.57
N THR A 72 2.16 -15.57 -0.37
CA THR A 72 0.75 -15.73 -0.03
C THR A 72 0.52 -16.97 0.85
N ASP A 73 1.40 -17.95 0.71
CA ASP A 73 1.28 -19.20 1.43
C ASP A 73 2.14 -19.19 2.69
N VAL A 74 3.18 -18.36 2.68
CA VAL A 74 4.00 -18.17 3.87
C VAL A 74 3.23 -17.31 4.85
N CYS A 75 2.36 -16.48 4.28
CA CYS A 75 1.41 -15.69 5.02
C CYS A 75 0.21 -16.57 5.35
N GLY A 76 -0.17 -17.42 4.39
CA GLY A 76 -1.16 -18.44 4.65
C GLY A 76 -2.59 -17.96 4.59
N SER A 77 -2.94 -17.00 5.42
CA SER A 77 -4.34 -16.60 5.57
C SER A 77 -4.72 -15.49 4.61
N PHE A 78 -3.73 -14.87 3.98
CA PHE A 78 -4.02 -13.75 3.11
C PHE A 78 -3.36 -13.84 1.76
N TYR A 79 -3.79 -12.94 0.90
CA TYR A 79 -3.29 -12.83 -0.45
C TYR A 79 -2.28 -11.69 -0.55
N CYS A 80 -1.08 -11.98 -1.01
CA CYS A 80 -0.05 -10.96 -1.10
C CYS A 80 -0.30 -10.05 -2.29
N CYS A 81 -1.11 -9.04 -2.09
CA CYS A 81 -1.46 -8.13 -3.17
C CYS A 81 -0.33 -7.12 -3.42
N ARG A 82 0.27 -7.21 -4.60
CA ARG A 82 1.25 -6.22 -5.04
C ARG A 82 0.62 -5.33 -6.11
N PRO A 83 0.39 -4.06 -5.79
CA PRO A 83 -0.19 -3.09 -6.74
C PRO A 83 0.44 -3.14 -8.13
N ARG A 84 -0.42 -3.28 -9.14
CA ARG A 84 -0.01 -3.35 -10.53
C ARG A 84 0.36 -1.97 -11.01
N ASN A 85 -0.24 -0.98 -10.37
CA ASN A 85 -0.04 0.42 -10.67
C ASN A 85 1.44 0.79 -10.70
CD2 NLW A 86 3.31 -0.50 -6.75
CG NLW A 86 3.05 1.00 -6.89
CD1 NLW A 86 1.54 1.28 -6.86
CB NLW A 86 3.72 1.58 -8.14
CA NLW A 86 3.53 0.84 -9.48
N NLW A 86 2.16 0.42 -9.65
C NLW A 86 4.51 -0.33 -9.62
O NLW A 86 5.59 -0.30 -9.05
NH2 NLW A 86 4.12 -1.33 -10.39
H2 NLW A 86 4.38 -0.67 -6.72
H1 NLW A 86 2.87 -0.86 -5.83
H3 NLW A 86 2.87 -1.02 -7.59
H4 NLW A 86 3.47 1.48 -6.02
H5 NLW A 86 1.14 1.03 -5.89
H6 NLW A 86 1.06 0.68 -7.62
H7 NLW A 86 1.37 2.32 -7.06
H8 NLW A 86 3.37 2.59 -8.26
H9 NLW A 86 4.78 1.63 -7.94
H10 NLW A 86 3.75 1.55 -10.27
H11 NLW A 86 1.75 -0.16 -8.98
H14 NLW A 86 3.22 -1.29 -10.83
H15 NLW A 86 4.73 -2.10 -10.52
N TRP A 1 14.55 8.35 0.57
CA TRP A 1 14.59 9.48 1.53
C TRP A 1 14.35 8.96 2.94
N ALA A 2 14.77 9.73 3.95
CA ALA A 2 14.58 9.34 5.34
C ALA A 2 13.11 9.00 5.59
N GLN A 3 12.24 9.92 5.22
CA GLN A 3 10.82 9.71 5.25
C GLN A 3 10.31 9.58 3.83
N ALA A 4 9.79 8.41 3.51
CA ALA A 4 9.21 8.17 2.21
C ALA A 4 8.03 9.08 1.98
N LEU A 5 8.33 10.26 1.49
CA LEU A 5 7.35 11.27 1.12
C LEU A 5 6.66 10.90 -0.18
N LEU A 6 6.70 9.64 -0.51
CA LEU A 6 6.19 9.15 -1.77
C LEU A 6 5.91 7.64 -1.67
N PRO A 7 5.28 7.20 -0.55
CA PRO A 7 5.26 5.81 -0.13
C PRO A 7 4.10 5.01 -0.71
N ILE A 8 3.77 5.23 -1.98
CA ILE A 8 2.62 4.56 -2.54
C ILE A 8 2.70 4.39 -4.07
N TRP A 9 2.18 5.35 -4.86
CA TRP A 9 2.13 5.24 -6.34
C TRP A 9 3.50 5.06 -7.00
N THR A 10 4.56 5.05 -6.21
CA THR A 10 5.88 4.81 -6.74
C THR A 10 6.69 3.91 -5.79
N TYR A 11 5.99 3.31 -4.84
CA TYR A 11 6.57 2.32 -3.94
C TYR A 11 5.59 1.15 -3.80
N THR A 12 4.68 1.27 -2.84
CA THR A 12 3.62 0.30 -2.64
C THR A 12 2.39 0.99 -2.04
N GLN A 13 2.43 1.13 -0.73
CA GLN A 13 1.39 1.78 0.05
C GLN A 13 1.77 1.72 1.51
N NLE A 14 1.92 2.86 2.15
CA NLE A 14 2.34 2.87 3.54
C NLE A 14 1.47 3.79 4.37
O NLE A 14 1.01 4.84 3.91
CB NLE A 14 3.80 3.31 3.67
CG NLE A 14 4.78 2.42 2.93
CD NLE A 14 4.83 1.02 3.54
CE NLE A 14 5.79 0.12 2.79
H NLE A 14 1.76 3.71 1.68
HA NLE A 14 2.24 1.86 3.92
HB2 NLE A 14 4.06 3.30 4.72
HB3 NLE A 14 3.89 4.31 3.30
HG2 NLE A 14 5.76 2.85 2.99
HG3 NLE A 14 4.48 2.34 1.91
HD2 NLE A 14 3.84 0.59 3.51
HD3 NLE A 14 5.17 1.09 4.56
HE1 NLE A 14 6.82 0.19 3.09
HE2 NLE A 14 5.76 0.14 1.71
HE3 NLE A 14 5.78 -0.91 3.09
N THR A 15 1.23 3.37 5.59
CA THR A 15 0.59 4.21 6.58
C THR A 15 1.64 5.06 7.26
N VAL A 16 1.38 6.35 7.36
CA VAL A 16 2.33 7.24 7.98
C VAL A 16 1.65 8.21 8.90
N SER A 17 1.33 9.37 8.39
CA SER A 17 0.81 10.41 9.21
C SER A 17 0.01 11.37 8.36
N ALA A 18 -0.83 12.11 9.02
CA ALA A 18 -1.64 13.13 8.36
C ALA A 18 -0.76 14.14 7.59
N PRO A 19 0.30 14.71 8.22
CA PRO A 19 1.24 15.61 7.54
C PRO A 19 1.76 15.04 6.23
N LEU A 20 2.02 13.75 6.21
CA LEU A 20 2.59 13.09 5.05
C LEU A 20 1.49 12.88 4.01
N PHE A 21 0.32 12.50 4.49
CA PHE A 21 -0.84 12.29 3.63
C PHE A 21 -1.20 13.58 2.92
N ALA A 22 -1.19 14.65 3.69
CA ALA A 22 -1.59 15.95 3.18
C ALA A 22 -0.60 16.45 2.14
N ALA A 23 0.66 16.07 2.31
CA ALA A 23 1.71 16.45 1.39
C ALA A 23 1.51 15.74 0.05
N LEU A 24 0.98 14.54 0.13
CA LEU A 24 0.79 13.69 -1.03
C LEU A 24 -0.46 14.09 -1.80
N VAL A 25 -1.52 14.40 -1.08
CA VAL A 25 -2.74 14.87 -1.71
C VAL A 25 -2.50 16.23 -2.35
N ALA A 26 -1.63 16.98 -1.72
CA ALA A 26 -1.33 18.34 -2.16
C ALA A 26 -0.54 18.33 -3.47
N ALA A 27 0.35 17.37 -3.62
CA ALA A 27 1.23 17.34 -4.78
C ALA A 27 0.71 16.43 -5.88
N TYR A 28 0.01 15.36 -5.52
CA TYR A 28 -0.34 14.33 -6.48
C TYR A 28 -1.84 14.29 -6.76
N GLY A 29 -2.63 14.18 -5.70
CA GLY A 29 -4.06 14.10 -5.86
C GLY A 29 -4.66 13.07 -4.96
N ILE A 30 -5.63 13.48 -4.16
CA ILE A 30 -6.24 12.65 -3.13
C ILE A 30 -6.63 11.27 -3.69
N TYR A 31 -7.02 11.22 -4.97
CA TYR A 31 -7.59 10.03 -5.54
C TYR A 31 -6.54 8.93 -5.60
N ALA A 32 -5.32 9.30 -5.99
CA ALA A 32 -4.22 8.34 -6.19
C ALA A 32 -3.60 8.02 -4.85
N VAL A 33 -3.62 9.01 -3.97
CA VAL A 33 -3.12 8.85 -2.61
C VAL A 33 -3.90 7.73 -1.91
N THR A 34 -5.20 7.87 -1.82
CA THR A 34 -6.03 6.84 -1.20
C THR A 34 -6.44 5.78 -2.23
N ARG A 35 -5.80 5.82 -3.39
CA ARG A 35 -6.07 4.87 -4.46
C ARG A 35 -5.30 3.59 -4.26
N TYR A 36 -3.99 3.71 -4.31
CA TYR A 36 -3.13 2.55 -4.34
C TYR A 36 -2.96 1.93 -2.97
N GLY A 37 -3.06 2.73 -1.91
CA GLY A 37 -3.09 2.16 -0.57
C GLY A 37 -2.38 2.95 0.51
N ILE A 38 -2.10 4.22 0.29
CA ILE A 38 -1.59 5.06 1.38
C ILE A 38 -2.54 5.00 2.56
N LYS A 39 -2.09 5.44 3.71
CA LYS A 39 -2.98 5.60 4.82
C LYS A 39 -2.61 6.79 5.69
N LYS A 40 -3.62 7.58 6.03
CA LYS A 40 -3.44 8.71 6.92
C LYS A 40 -3.47 8.25 8.38
N ALA A 41 -2.52 7.38 8.71
CA ALA A 41 -2.39 6.82 10.06
C ALA A 41 -3.58 5.93 10.45
N ARG A 42 -3.56 4.67 10.02
CA ARG A 42 -4.61 3.70 10.36
C ARG A 42 -4.24 2.28 9.85
N THR A 43 -2.96 2.12 9.50
CA THR A 43 -2.38 0.84 9.02
C THR A 43 -3.28 0.10 8.03
N ARG A 44 -3.89 0.87 7.16
CA ARG A 44 -4.91 0.38 6.22
C ARG A 44 -6.05 -0.34 6.97
N ASN A 45 -5.83 -1.62 7.26
CA ASN A 45 -6.81 -2.45 7.96
C ASN A 45 -6.04 -3.45 8.83
N ASP A 46 -6.66 -4.59 9.12
CA ASP A 46 -5.93 -5.70 9.73
C ASP A 46 -4.88 -6.19 8.75
N SER A 47 -5.15 -5.95 7.47
CA SER A 47 -4.24 -6.26 6.39
C SER A 47 -2.82 -5.85 6.74
N HIS A 48 -1.92 -6.82 6.75
CA HIS A 48 -0.52 -6.60 7.11
C HIS A 48 0.36 -6.85 5.90
N GLN A 49 1.65 -6.61 6.02
CA GLN A 49 2.53 -6.73 4.86
C GLN A 49 3.09 -8.14 4.69
N CYS A 50 3.44 -8.45 3.45
CA CYS A 50 4.14 -9.67 3.13
C CYS A 50 5.45 -9.32 2.44
N ALA A 51 6.55 -9.97 2.86
CA ALA A 51 7.89 -9.65 2.38
C ALA A 51 8.33 -8.26 2.86
N ASN A 52 7.44 -7.66 3.66
CA ASN A 52 7.60 -6.30 4.20
C ASN A 52 8.01 -5.28 3.14
N ASN A 53 7.76 -5.58 1.87
CA ASN A 53 8.23 -4.72 0.79
C ASN A 53 7.64 -5.14 -0.54
N ARG A 54 7.76 -6.43 -0.87
CA ARG A 54 7.33 -6.94 -2.16
C ARG A 54 5.85 -6.65 -2.38
N GLY A 55 5.01 -7.07 -1.44
CA GLY A 55 3.59 -6.87 -1.57
C GLY A 55 2.94 -6.59 -0.24
N TRP A 56 1.63 -6.76 -0.18
CA TRP A 56 0.90 -6.54 1.05
C TRP A 56 -0.21 -7.56 1.16
N CYS A 57 -0.35 -8.12 2.35
CA CYS A 57 -1.38 -9.10 2.65
C CYS A 57 -2.75 -8.43 2.67
N ARG A 58 -3.55 -8.69 1.63
CA ARG A 58 -4.84 -8.04 1.47
C ARG A 58 -5.91 -9.08 1.21
N LYS A 59 -7.12 -8.78 1.66
CA LYS A 59 -8.22 -9.73 1.62
C LYS A 59 -8.88 -9.71 0.25
N SER A 60 -8.47 -8.75 -0.55
CA SER A 60 -8.91 -8.62 -1.92
C SER A 60 -8.15 -7.48 -2.59
N CYS A 61 -7.76 -7.70 -3.82
CA CYS A 61 -6.93 -6.76 -4.54
C CYS A 61 -7.79 -5.71 -5.23
N PHE A 62 -7.26 -4.50 -5.34
CA PHE A 62 -7.99 -3.38 -5.93
C PHE A 62 -7.99 -3.49 -7.45
N GLY A 63 -8.58 -2.50 -8.11
CA GLY A 63 -8.64 -2.49 -9.56
C GLY A 63 -7.36 -1.98 -10.20
N HIS A 64 -6.23 -2.35 -9.60
CA HIS A 64 -4.92 -1.96 -10.09
C HIS A 64 -3.86 -2.88 -9.47
N GLU A 65 -4.22 -4.13 -9.27
CA GLU A 65 -3.37 -5.06 -8.55
C GLU A 65 -3.34 -6.43 -9.18
N TYR A 66 -2.58 -7.31 -8.55
CA TYR A 66 -2.55 -8.72 -8.89
C TYR A 66 -2.04 -9.50 -7.67
N ILE A 67 -2.59 -10.67 -7.41
CA ILE A 67 -2.09 -11.50 -6.31
C ILE A 67 -0.79 -12.14 -6.77
N ASP A 68 0.29 -11.92 -6.03
CA ASP A 68 1.58 -12.42 -6.48
C ASP A 68 2.02 -13.62 -5.68
N TRP A 69 1.19 -13.95 -4.71
CA TRP A 69 1.38 -15.13 -3.89
C TRP A 69 2.79 -15.19 -3.36
N TYR A 70 3.34 -16.42 -3.28
CA TYR A 70 4.57 -16.74 -2.55
C TYR A 70 4.30 -16.59 -1.08
N TYR A 71 3.71 -15.46 -0.80
CA TYR A 71 3.47 -14.98 0.53
C TYR A 71 2.01 -15.12 0.91
N THR A 72 1.15 -15.42 -0.07
CA THR A 72 -0.27 -15.56 0.18
C THR A 72 -0.54 -16.74 1.13
N ASP A 73 0.35 -17.70 1.11
CA ASP A 73 0.21 -18.92 1.88
C ASP A 73 1.05 -18.84 3.15
N VAL A 74 2.03 -17.92 3.16
CA VAL A 74 2.80 -17.66 4.37
C VAL A 74 1.95 -16.81 5.29
N CYS A 75 1.08 -16.03 4.65
CA CYS A 75 0.07 -15.29 5.34
C CYS A 75 -1.12 -16.21 5.60
N GLY A 76 -1.38 -17.11 4.66
CA GLY A 76 -2.42 -18.10 4.82
C GLY A 76 -3.81 -17.53 4.58
N SER A 77 -4.20 -16.59 5.41
CA SER A 77 -5.51 -15.97 5.32
C SER A 77 -5.51 -14.83 4.31
N PHE A 78 -4.39 -14.14 4.19
CA PHE A 78 -4.30 -12.99 3.32
C PHE A 78 -3.65 -13.29 2.00
N TYR A 79 -3.94 -12.43 1.04
CA TYR A 79 -3.37 -12.52 -0.28
C TYR A 79 -2.21 -11.56 -0.42
N CYS A 80 -1.15 -11.95 -1.10
CA CYS A 80 -0.04 -11.04 -1.31
C CYS A 80 -0.32 -10.22 -2.56
N CYS A 81 -1.21 -9.26 -2.42
CA CYS A 81 -1.57 -8.40 -3.52
C CYS A 81 -0.47 -7.39 -3.79
N ARG A 82 0.04 -7.42 -5.00
CA ARG A 82 1.04 -6.47 -5.42
C ARG A 82 0.47 -5.63 -6.54
N PRO A 83 0.32 -4.33 -6.32
CA PRO A 83 -0.23 -3.42 -7.33
C PRO A 83 0.57 -3.45 -8.61
N ARG A 84 -0.12 -3.36 -9.74
CA ARG A 84 0.51 -3.50 -11.03
C ARG A 84 1.37 -2.27 -11.35
N ASN A 85 1.06 -1.14 -10.75
CA ASN A 85 1.93 0.01 -10.81
C ASN A 85 3.07 -0.10 -9.80
CD2 NLW A 86 0.98 0.98 -5.76
CG NLW A 86 2.47 1.02 -6.00
CD1 NLW A 86 2.80 1.92 -7.16
CB NLW A 86 3.04 -0.39 -6.17
CA NLW A 86 3.71 -0.70 -7.53
N NLW A 86 2.75 -0.63 -8.62
C NLW A 86 4.37 -2.06 -7.47
O NLW A 86 3.97 -2.93 -6.69
NH2 NLW A 86 5.39 -2.26 -8.29
H2 NLW A 86 0.60 2.00 -5.69
H1 NLW A 86 0.48 0.49 -6.58
H3 NLW A 86 0.76 0.45 -4.84
H4 NLW A 86 2.91 1.46 -5.13
H5 NLW A 86 3.83 2.21 -7.12
H6 NLW A 86 2.17 2.80 -7.11
H7 NLW A 86 2.60 1.40 -8.08
H8 NLW A 86 3.77 -0.54 -5.40
H9 NLW A 86 2.24 -1.10 -6.02
H10 NLW A 86 4.46 0.05 -7.71
H11 NLW A 86 1.84 -1.00 -8.49
H14 NLW A 86 5.67 -1.52 -8.90
H15 NLW A 86 5.85 -3.14 -8.30
N TRP A 1 14.75 10.89 -0.82
CA TRP A 1 13.82 10.27 0.14
C TRP A 1 14.56 9.86 1.42
N ALA A 2 13.86 9.92 2.55
CA ALA A 2 14.34 9.29 3.77
C ALA A 2 13.17 8.89 4.68
N GLN A 3 11.95 8.97 4.15
CA GLN A 3 10.76 8.65 4.91
C GLN A 3 9.70 8.03 4.03
N ALA A 4 10.20 7.37 3.01
CA ALA A 4 9.40 6.92 1.89
C ALA A 4 8.22 7.82 1.64
N LEU A 5 8.55 9.02 1.21
CA LEU A 5 7.59 10.09 1.11
C LEU A 5 6.77 9.98 -0.18
N LEU A 6 6.67 8.77 -0.66
CA LEU A 6 6.05 8.49 -1.93
C LEU A 6 5.51 7.06 -1.92
N PRO A 7 4.82 6.68 -0.82
CA PRO A 7 4.62 5.29 -0.42
C PRO A 7 3.42 4.63 -1.07
N ILE A 8 3.17 4.96 -2.32
CA ILE A 8 2.00 4.43 -2.99
C ILE A 8 2.24 4.27 -4.50
N TRP A 9 1.82 5.23 -5.32
CA TRP A 9 1.85 5.11 -6.79
C TRP A 9 3.25 4.78 -7.35
N THR A 10 4.28 4.81 -6.52
CA THR A 10 5.61 4.43 -6.97
C THR A 10 6.24 3.36 -6.06
N TYR A 11 5.85 3.31 -4.80
CA TYR A 11 6.28 2.23 -3.91
C TYR A 11 5.29 1.07 -4.01
N THR A 12 4.20 1.16 -3.25
CA THR A 12 3.08 0.24 -3.34
C THR A 12 1.77 0.96 -3.00
N GLN A 13 1.38 0.88 -1.73
CA GLN A 13 0.21 1.56 -1.17
C GLN A 13 0.28 1.40 0.35
N NLE A 14 1.18 2.13 0.98
CA NLE A 14 1.50 1.86 2.38
C NLE A 14 0.88 2.87 3.34
O NLE A 14 0.40 3.93 2.93
CB NLE A 14 3.02 1.86 2.59
CG NLE A 14 3.79 0.83 1.76
CD NLE A 14 3.61 -0.59 2.30
CE NLE A 14 2.28 -1.21 1.90
H NLE A 14 1.63 2.86 0.52
HA NLE A 14 1.13 0.88 2.63
HB2 NLE A 14 3.23 1.68 3.63
HB3 NLE A 14 3.40 2.83 2.33
HG2 NLE A 14 4.84 1.08 1.79
HG3 NLE A 14 3.43 0.86 0.75
HD2 NLE A 14 3.68 -0.57 3.38
HD3 NLE A 14 4.40 -1.21 1.90
HE1 NLE A 14 1.73 -0.67 1.14
HE2 NLE A 14 1.59 -1.45 2.69
HE3 NLE A 14 2.34 -2.06 1.24
N THR A 15 0.90 2.51 4.60
CA THR A 15 0.45 3.37 5.68
C THR A 15 1.66 4.06 6.31
N VAL A 16 1.58 5.38 6.46
CA VAL A 16 2.72 6.11 7.01
C VAL A 16 2.29 7.12 8.05
N SER A 17 2.13 8.37 7.64
CA SER A 17 1.86 9.42 8.58
C SER A 17 0.97 10.46 7.96
N ALA A 18 0.19 11.09 8.80
CA ALA A 18 -0.70 12.15 8.38
C ALA A 18 0.06 13.30 7.69
N PRO A 19 1.16 13.82 8.27
CA PRO A 19 2.00 14.83 7.60
C PRO A 19 2.42 14.41 6.20
N LEU A 20 2.67 13.12 6.04
CA LEU A 20 3.14 12.57 4.78
C LEU A 20 1.98 12.48 3.79
N PHE A 21 0.83 12.06 4.30
CA PHE A 21 -0.37 11.94 3.50
C PHE A 21 -0.76 13.31 2.94
N ALA A 22 -0.76 14.28 3.84
CA ALA A 22 -1.14 15.63 3.49
C ALA A 22 -0.17 16.21 2.47
N ALA A 23 1.08 15.76 2.55
CA ALA A 23 2.12 16.17 1.64
C ALA A 23 1.86 15.62 0.24
N LEU A 24 1.35 14.40 0.21
CA LEU A 24 1.09 13.71 -1.05
C LEU A 24 -0.14 14.27 -1.73
N VAL A 25 -1.15 14.58 -0.94
CA VAL A 25 -2.35 15.19 -1.47
C VAL A 25 -2.03 16.59 -1.96
N ALA A 26 -1.07 17.20 -1.29
CA ALA A 26 -0.70 18.58 -1.59
C ALA A 26 0.14 18.67 -2.85
N ALA A 27 0.87 17.61 -3.16
CA ALA A 27 1.76 17.60 -4.31
C ALA A 27 1.10 16.93 -5.50
N TYR A 28 0.44 15.81 -5.25
CA TYR A 28 -0.12 15.00 -6.33
C TYR A 28 -1.60 15.24 -6.48
N GLY A 29 -2.33 15.03 -5.39
CA GLY A 29 -3.76 15.15 -5.43
C GLY A 29 -4.40 14.00 -4.71
N ILE A 30 -5.33 14.32 -3.82
CA ILE A 30 -6.05 13.34 -3.00
C ILE A 30 -6.50 12.13 -3.83
N TYR A 31 -6.85 12.39 -5.08
CA TYR A 31 -7.48 11.40 -5.92
C TYR A 31 -6.60 10.17 -6.10
N ALA A 32 -5.30 10.40 -6.28
CA ALA A 32 -4.32 9.34 -6.53
C ALA A 32 -3.83 8.77 -5.22
N VAL A 33 -3.81 9.62 -4.23
CA VAL A 33 -3.36 9.27 -2.90
C VAL A 33 -4.27 8.20 -2.30
N THR A 34 -5.58 8.44 -2.33
CA THR A 34 -6.53 7.46 -1.84
C THR A 34 -7.07 6.61 -3.00
N ARG A 35 -6.47 6.78 -4.17
CA ARG A 35 -6.82 6.00 -5.34
C ARG A 35 -6.30 4.59 -5.19
N TYR A 36 -4.99 4.50 -5.08
CA TYR A 36 -4.33 3.23 -5.06
C TYR A 36 -4.49 2.55 -3.70
N GLY A 37 -3.90 3.11 -2.65
CA GLY A 37 -4.10 2.49 -1.34
C GLY A 37 -3.18 3.02 -0.26
N ILE A 38 -2.79 4.29 -0.33
CA ILE A 38 -2.05 4.92 0.75
C ILE A 38 -2.87 4.84 2.04
N LYS A 39 -2.24 5.16 3.16
CA LYS A 39 -3.00 5.33 4.37
C LYS A 39 -2.41 6.41 5.27
N LYS A 40 -3.29 7.26 5.77
CA LYS A 40 -2.91 8.34 6.66
C LYS A 40 -2.74 7.84 8.10
N ALA A 41 -1.83 6.89 8.26
CA ALA A 41 -1.47 6.35 9.57
C ALA A 41 -2.68 5.78 10.34
N ARG A 42 -3.39 4.86 9.71
CA ARG A 42 -4.48 4.17 10.38
C ARG A 42 -4.56 2.72 9.92
N THR A 43 -3.64 2.36 9.02
CA THR A 43 -3.62 1.07 8.35
C THR A 43 -4.85 0.91 7.44
N ARG A 44 -4.68 0.28 6.28
CA ARG A 44 -5.79 0.08 5.37
C ARG A 44 -6.92 -0.72 6.04
N ASN A 45 -6.67 -1.99 6.25
CA ASN A 45 -7.65 -2.85 6.91
C ASN A 45 -6.98 -3.55 8.09
N ASP A 46 -7.54 -4.69 8.49
CA ASP A 46 -6.88 -5.58 9.45
C ASP A 46 -5.66 -6.23 8.80
N SER A 47 -5.54 -5.96 7.52
CA SER A 47 -4.45 -6.42 6.67
C SER A 47 -3.07 -6.24 7.32
N HIS A 48 -2.16 -7.17 7.03
CA HIS A 48 -0.81 -7.14 7.58
C HIS A 48 0.21 -6.94 6.45
N GLN A 49 1.48 -6.78 6.78
CA GLN A 49 2.52 -6.67 5.78
C GLN A 49 3.08 -8.03 5.37
N CYS A 50 3.54 -8.12 4.13
CA CYS A 50 4.21 -9.30 3.64
C CYS A 50 5.48 -8.88 2.91
N ALA A 51 6.58 -9.56 3.23
CA ALA A 51 7.91 -9.20 2.70
C ALA A 51 8.36 -7.84 3.21
N ASN A 52 7.47 -7.20 3.98
CA ASN A 52 7.66 -5.84 4.51
C ASN A 52 8.19 -4.89 3.44
N ASN A 53 7.73 -5.07 2.21
CA ASN A 53 8.27 -4.32 1.07
C ASN A 53 7.57 -4.69 -0.23
N ARG A 54 7.65 -5.96 -0.60
CA ARG A 54 7.17 -6.42 -1.91
C ARG A 54 5.68 -6.13 -2.10
N GLY A 55 4.91 -6.40 -1.07
CA GLY A 55 3.48 -6.13 -1.13
C GLY A 55 2.87 -6.00 0.24
N TRP A 56 1.56 -6.07 0.29
CA TRP A 56 0.86 -5.98 1.56
C TRP A 56 -0.23 -7.05 1.62
N CYS A 57 -0.29 -7.75 2.74
CA CYS A 57 -1.30 -8.77 2.96
C CYS A 57 -2.68 -8.16 3.02
N ARG A 58 -3.52 -8.46 2.05
CA ARG A 58 -4.85 -7.90 1.95
C ARG A 58 -5.84 -8.99 1.65
N LYS A 59 -7.07 -8.84 2.12
CA LYS A 59 -8.02 -9.93 2.10
C LYS A 59 -8.74 -9.96 0.77
N SER A 60 -8.38 -9.02 -0.08
CA SER A 60 -8.85 -8.97 -1.45
C SER A 60 -8.19 -7.81 -2.17
N CYS A 61 -7.63 -8.10 -3.31
CA CYS A 61 -6.84 -7.13 -4.06
C CYS A 61 -7.75 -6.25 -4.90
N PHE A 62 -7.32 -5.02 -5.11
CA PHE A 62 -8.09 -4.05 -5.88
C PHE A 62 -7.98 -4.36 -7.36
N GLY A 63 -8.69 -3.62 -8.19
CA GLY A 63 -8.60 -3.83 -9.62
C GLY A 63 -7.19 -3.58 -10.14
N HIS A 64 -6.48 -2.69 -9.46
CA HIS A 64 -5.13 -2.32 -9.85
C HIS A 64 -4.08 -3.08 -9.05
N GLU A 65 -4.38 -4.30 -8.63
CA GLU A 65 -3.42 -5.09 -7.88
C GLU A 65 -3.29 -6.49 -8.45
N TYR A 66 -2.27 -7.20 -7.99
CA TYR A 66 -2.06 -8.58 -8.34
C TYR A 66 -1.50 -9.33 -7.14
N ILE A 67 -1.77 -10.62 -7.06
CA ILE A 67 -1.33 -11.41 -5.92
C ILE A 67 0.02 -12.06 -6.23
N ASP A 68 0.99 -11.89 -5.32
CA ASP A 68 2.36 -12.38 -5.55
C ASP A 68 2.46 -13.86 -5.28
N TRP A 69 1.59 -14.27 -4.39
CA TRP A 69 1.50 -15.61 -3.84
C TRP A 69 2.71 -16.11 -3.07
N TYR A 70 3.91 -15.76 -3.49
CA TYR A 70 5.12 -16.18 -2.76
C TYR A 70 4.94 -15.89 -1.28
N TYR A 71 4.29 -14.77 -0.99
CA TYR A 71 4.09 -14.34 0.38
C TYR A 71 2.65 -14.51 0.83
N THR A 72 1.76 -14.80 -0.11
CA THR A 72 0.34 -15.00 0.20
C THR A 72 0.13 -16.21 1.11
N ASP A 73 0.99 -17.19 0.97
CA ASP A 73 0.84 -18.45 1.67
C ASP A 73 1.68 -18.42 2.94
N VAL A 74 2.59 -17.46 2.99
CA VAL A 74 3.39 -17.24 4.19
C VAL A 74 2.54 -16.44 5.16
N CYS A 75 1.62 -15.70 4.58
CA CYS A 75 0.56 -15.06 5.31
C CYS A 75 -0.55 -16.08 5.56
N GLY A 76 -0.84 -16.88 4.54
CA GLY A 76 -1.81 -17.95 4.66
C GLY A 76 -3.25 -17.46 4.61
N SER A 77 -3.59 -16.55 5.50
CA SER A 77 -4.95 -16.03 5.60
C SER A 77 -5.08 -14.71 4.84
N PHE A 78 -3.97 -14.23 4.28
CA PHE A 78 -3.99 -12.99 3.53
C PHE A 78 -3.34 -13.15 2.18
N TYR A 79 -3.73 -12.28 1.28
CA TYR A 79 -3.19 -12.24 -0.06
C TYR A 79 -2.16 -11.14 -0.15
N CYS A 80 -1.00 -11.43 -0.72
CA CYS A 80 0.01 -10.40 -0.83
C CYS A 80 -0.25 -9.58 -2.07
N CYS A 81 -1.11 -8.59 -1.91
CA CYS A 81 -1.52 -7.74 -3.00
C CYS A 81 -0.43 -6.74 -3.35
N ARG A 82 0.11 -6.90 -4.54
CA ARG A 82 1.10 -5.99 -5.07
C ARG A 82 0.47 -5.18 -6.19
N PRO A 83 0.32 -3.86 -5.99
CA PRO A 83 -0.24 -2.97 -7.01
C PRO A 83 0.51 -3.04 -8.34
N ARG A 84 -0.25 -3.11 -9.44
CA ARG A 84 0.34 -3.19 -10.77
C ARG A 84 0.73 -1.81 -11.27
N ASN A 85 0.15 -0.81 -10.64
CA ASN A 85 0.42 0.60 -10.96
C ASN A 85 1.88 0.98 -10.70
CD2 NLW A 86 3.23 -0.71 -6.82
CG NLW A 86 3.28 0.80 -6.94
CD1 NLW A 86 1.86 1.37 -7.01
CB NLW A 86 4.11 1.27 -8.14
CA NLW A 86 3.95 0.55 -9.50
N NLW A 86 2.54 0.27 -9.78
C NLW A 86 4.79 -0.74 -9.57
O NLW A 86 4.61 -1.55 -10.49
NH2 NLW A 86 5.70 -0.93 -8.62
H2 NLW A 86 2.58 -1.00 -6.02
H1 NLW A 86 2.86 -1.14 -7.75
H3 NLW A 86 4.22 -1.09 -6.64
H4 NLW A 86 3.73 1.18 -6.05
H5 NLW A 86 1.29 1.02 -6.16
H6 NLW A 86 1.38 1.06 -7.92
H7 NLW A 86 1.91 2.45 -6.98
H8 NLW A 86 3.90 2.32 -8.30
H9 NLW A 86 5.16 1.20 -7.85
H10 NLW A 86 4.30 1.21 -10.26
H11 NLW A 86 2.08 -0.45 -9.31
H14 NLW A 86 5.81 -0.26 -7.90
H15 NLW A 86 6.26 -1.77 -8.66
N TRP A 1 14.97 7.87 -0.88
CA TRP A 1 15.06 9.00 0.06
C TRP A 1 15.11 8.47 1.49
N ALA A 2 15.59 9.28 2.42
CA ALA A 2 15.64 8.90 3.83
C ALA A 2 14.27 8.42 4.28
N GLN A 3 13.25 9.21 3.99
CA GLN A 3 11.89 8.86 4.29
C GLN A 3 11.11 8.87 2.99
N ALA A 4 10.53 7.73 2.66
CA ALA A 4 9.83 7.53 1.42
C ALA A 4 8.59 8.41 1.32
N LEU A 5 8.82 9.64 0.92
CA LEU A 5 7.77 10.62 0.68
C LEU A 5 6.94 10.27 -0.55
N LEU A 6 7.14 9.08 -1.05
CA LEU A 6 6.50 8.67 -2.29
C LEU A 6 6.10 7.19 -2.19
N PRO A 7 5.59 6.76 -1.03
CA PRO A 7 5.64 5.35 -0.60
C PRO A 7 4.64 4.44 -1.30
N ILE A 8 3.95 4.95 -2.30
CA ILE A 8 2.82 4.22 -2.86
C ILE A 8 2.89 4.03 -4.40
N TRP A 9 2.36 4.97 -5.19
CA TRP A 9 2.27 4.82 -6.64
C TRP A 9 3.64 4.57 -7.32
N THR A 10 4.72 4.71 -6.58
CA THR A 10 6.04 4.46 -7.13
C THR A 10 6.82 3.43 -6.30
N TYR A 11 6.47 3.29 -5.02
CA TYR A 11 7.05 2.24 -4.18
C TYR A 11 6.05 1.10 -4.03
N THR A 12 5.14 1.24 -3.06
CA THR A 12 4.07 0.27 -2.86
C THR A 12 2.78 0.96 -2.39
N GLN A 13 2.68 1.16 -1.09
CA GLN A 13 1.54 1.84 -0.49
C GLN A 13 1.89 2.22 0.95
N NLE A 14 1.69 1.27 1.86
CA NLE A 14 2.20 1.35 3.21
C NLE A 14 1.50 2.39 4.06
O NLE A 14 0.64 3.15 3.60
CB NLE A 14 3.69 1.62 3.17
CG NLE A 14 4.53 0.38 2.89
CD NLE A 14 4.44 -0.62 4.04
CE NLE A 14 4.85 -0.01 5.36
H NLE A 14 1.19 0.50 1.60
HA NLE A 14 2.04 0.38 3.67
HB2 NLE A 14 4.01 2.05 4.11
HB3 NLE A 14 3.86 2.31 2.37
HG2 NLE A 14 5.56 0.67 2.77
HG3 NLE A 14 4.18 -0.08 1.98
HD2 NLE A 14 5.07 -1.47 3.81
HD3 NLE A 14 3.42 -0.96 4.13
HE1 NLE A 14 5.53 0.82 5.30
HE2 NLE A 14 5.22 -0.69 6.11
HE3 NLE A 14 4.12 0.62 5.83
N THR A 15 1.88 2.41 5.33
CA THR A 15 1.35 3.36 6.29
C THR A 15 2.47 4.20 6.84
N VAL A 16 2.29 5.51 6.87
CA VAL A 16 3.36 6.40 7.32
C VAL A 16 2.85 7.42 8.30
N SER A 17 2.54 8.61 7.82
CA SER A 17 2.18 9.69 8.69
C SER A 17 1.08 10.51 8.05
N ALA A 18 0.26 11.09 8.88
CA ALA A 18 -0.76 12.03 8.43
C ALA A 18 -0.15 13.20 7.66
N PRO A 19 0.91 13.86 8.18
CA PRO A 19 1.64 14.91 7.44
C PRO A 19 2.13 14.41 6.08
N LEU A 20 2.46 13.13 6.03
CA LEU A 20 2.99 12.53 4.82
C LEU A 20 1.85 12.33 3.83
N PHE A 21 0.74 11.84 4.33
CA PHE A 21 -0.44 11.61 3.53
C PHE A 21 -0.93 12.93 2.94
N ALA A 22 -0.97 13.94 3.81
CA ALA A 22 -1.44 15.26 3.41
C ALA A 22 -0.53 15.85 2.35
N ALA A 23 0.75 15.52 2.44
CA ALA A 23 1.75 15.99 1.51
C ALA A 23 1.54 15.37 0.14
N LEU A 24 1.17 14.09 0.15
CA LEU A 24 0.97 13.34 -1.07
C LEU A 24 -0.30 13.80 -1.76
N VAL A 25 -1.30 14.12 -0.97
CA VAL A 25 -2.55 14.64 -1.52
C VAL A 25 -2.33 16.04 -2.05
N ALA A 26 -1.44 16.76 -1.38
CA ALA A 26 -1.17 18.15 -1.74
C ALA A 26 -0.28 18.24 -2.98
N ALA A 27 0.48 17.19 -3.24
CA ALA A 27 1.39 17.19 -4.37
C ALA A 27 0.81 16.40 -5.55
N TYR A 28 0.14 15.30 -5.26
CA TYR A 28 -0.34 14.41 -6.31
C TYR A 28 -1.85 14.51 -6.47
N GLY A 29 -2.57 14.12 -5.43
CA GLY A 29 -4.01 14.08 -5.49
C GLY A 29 -4.56 12.92 -4.71
N ILE A 30 -5.48 13.22 -3.81
CA ILE A 30 -6.08 12.23 -2.90
C ILE A 30 -6.46 10.93 -3.62
N TYR A 31 -6.85 11.05 -4.89
CA TYR A 31 -7.43 9.94 -5.61
C TYR A 31 -6.43 8.81 -5.71
N ALA A 32 -5.16 9.16 -5.97
CA ALA A 32 -4.10 8.20 -6.21
C ALA A 32 -3.45 7.81 -4.90
N VAL A 33 -3.44 8.76 -3.99
CA VAL A 33 -2.87 8.56 -2.66
C VAL A 33 -3.55 7.40 -1.94
N THR A 34 -4.87 7.44 -1.90
CA THR A 34 -5.62 6.39 -1.26
C THR A 34 -6.19 5.42 -2.32
N ARG A 35 -5.68 5.57 -3.54
CA ARG A 35 -6.04 4.70 -4.65
C ARG A 35 -5.36 3.37 -4.51
N TYR A 36 -4.05 3.42 -4.42
CA TYR A 36 -3.24 2.23 -4.46
C TYR A 36 -3.05 1.63 -3.06
N GLY A 37 -3.09 2.47 -2.02
CA GLY A 37 -3.15 1.91 -0.68
C GLY A 37 -2.35 2.65 0.38
N ILE A 38 -1.98 3.91 0.14
CA ILE A 38 -1.27 4.65 1.18
C ILE A 38 -2.21 4.89 2.37
N LYS A 39 -1.71 4.65 3.56
CA LYS A 39 -2.49 4.86 4.76
C LYS A 39 -2.03 6.10 5.53
N LYS A 40 -3.02 6.89 5.98
CA LYS A 40 -2.76 8.08 6.78
C LYS A 40 -2.58 7.70 8.25
N ALA A 41 -1.43 7.13 8.55
CA ALA A 41 -0.98 6.91 9.92
C ALA A 41 -1.90 5.99 10.74
N ARG A 42 -2.12 4.78 10.24
CA ARG A 42 -2.69 3.71 11.05
C ARG A 42 -2.49 2.36 10.34
N THR A 43 -3.47 1.93 9.57
CA THR A 43 -3.39 0.73 8.76
C THR A 43 -4.53 0.76 7.76
N ARG A 44 -4.38 0.10 6.61
CA ARG A 44 -5.47 0.03 5.65
C ARG A 44 -6.72 -0.55 6.30
N ASN A 45 -6.58 -1.77 6.82
CA ASN A 45 -7.67 -2.46 7.51
C ASN A 45 -7.05 -3.38 8.54
N ASP A 46 -7.73 -4.48 8.85
CA ASP A 46 -7.11 -5.56 9.61
C ASP A 46 -5.95 -6.10 8.79
N SER A 47 -6.12 -5.98 7.47
CA SER A 47 -5.09 -6.32 6.50
C SER A 47 -3.73 -5.76 6.92
N HIS A 48 -2.71 -6.59 6.80
CA HIS A 48 -1.37 -6.25 7.25
C HIS A 48 -0.37 -6.56 6.15
N GLN A 49 0.87 -6.15 6.31
CA GLN A 49 1.85 -6.28 5.24
C GLN A 49 2.58 -7.61 5.26
N CYS A 50 2.94 -8.06 4.08
CA CYS A 50 3.73 -9.27 3.90
C CYS A 50 5.01 -8.92 3.19
N ALA A 51 6.14 -9.44 3.70
CA ALA A 51 7.48 -9.08 3.22
C ALA A 51 7.85 -7.68 3.66
N ASN A 52 6.82 -6.90 3.99
CA ASN A 52 6.93 -5.53 4.45
C ASN A 52 7.62 -4.64 3.42
N ASN A 53 7.61 -5.06 2.17
CA ASN A 53 8.32 -4.32 1.12
C ASN A 53 7.68 -4.46 -0.26
N ARG A 54 7.06 -5.60 -0.55
CA ARG A 54 6.51 -5.80 -1.89
C ARG A 54 4.98 -5.79 -1.89
N GLY A 55 4.37 -6.49 -0.94
CA GLY A 55 2.93 -6.67 -1.00
C GLY A 55 2.24 -6.41 0.30
N TRP A 56 0.91 -6.40 0.26
CA TRP A 56 0.11 -6.22 1.45
C TRP A 56 -0.96 -7.30 1.50
N CYS A 57 -1.08 -7.93 2.66
CA CYS A 57 -2.07 -8.96 2.89
C CYS A 57 -3.48 -8.39 2.79
N ARG A 58 -4.18 -8.70 1.71
CA ARG A 58 -5.52 -8.20 1.47
C ARG A 58 -6.44 -9.33 1.09
N LYS A 59 -7.72 -9.18 1.40
CA LYS A 59 -8.72 -10.21 1.18
C LYS A 59 -9.08 -10.30 -0.29
N SER A 60 -8.72 -9.26 -1.02
CA SER A 60 -8.99 -9.15 -2.43
C SER A 60 -8.35 -7.89 -2.94
N CYS A 61 -7.95 -7.91 -4.19
CA CYS A 61 -7.23 -6.80 -4.77
C CYS A 61 -8.18 -5.90 -5.54
N PHE A 62 -7.82 -4.63 -5.64
CA PHE A 62 -8.67 -3.64 -6.29
C PHE A 62 -8.57 -3.78 -7.80
N GLY A 63 -9.33 -2.95 -8.52
CA GLY A 63 -9.30 -2.98 -9.98
C GLY A 63 -8.09 -2.25 -10.54
N HIS A 64 -6.95 -2.49 -9.93
CA HIS A 64 -5.68 -1.89 -10.32
C HIS A 64 -4.55 -2.58 -9.58
N GLU A 65 -4.68 -3.89 -9.44
CA GLU A 65 -3.72 -4.69 -8.71
C GLU A 65 -3.52 -6.06 -9.36
N TYR A 66 -2.76 -6.90 -8.66
CA TYR A 66 -2.61 -8.31 -9.00
C TYR A 66 -2.12 -9.04 -7.75
N ILE A 67 -2.54 -10.30 -7.59
CA ILE A 67 -2.09 -11.06 -6.43
C ILE A 67 -0.66 -11.52 -6.63
N ASP A 68 0.20 -11.18 -5.69
CA ASP A 68 1.52 -11.75 -5.66
C ASP A 68 1.55 -12.78 -4.58
N TRP A 69 2.32 -13.81 -4.77
CA TRP A 69 2.37 -14.90 -3.85
C TRP A 69 3.72 -14.93 -3.18
N TYR A 70 4.25 -16.13 -2.98
CA TYR A 70 5.42 -16.40 -2.14
C TYR A 70 5.02 -16.16 -0.71
N TYR A 71 4.52 -14.96 -0.51
CA TYR A 71 4.18 -14.43 0.77
C TYR A 71 2.71 -14.66 1.13
N THR A 72 1.89 -14.95 0.13
CA THR A 72 0.47 -15.18 0.36
C THR A 72 0.25 -16.40 1.24
N ASP A 73 1.22 -17.30 1.25
CA ASP A 73 1.16 -18.52 2.02
C ASP A 73 2.00 -18.40 3.28
N VAL A 74 2.93 -17.44 3.29
CA VAL A 74 3.67 -17.12 4.51
C VAL A 74 2.75 -16.30 5.41
N CYS A 75 1.88 -15.57 4.75
CA CYS A 75 0.83 -14.83 5.42
C CYS A 75 -0.31 -15.79 5.72
N GLY A 76 -0.54 -16.72 4.79
CA GLY A 76 -1.47 -17.80 5.03
C GLY A 76 -2.94 -17.41 4.90
N SER A 77 -3.34 -16.37 5.62
CA SER A 77 -4.75 -15.99 5.67
C SER A 77 -5.08 -14.93 4.62
N PHE A 78 -4.06 -14.31 4.04
CA PHE A 78 -4.29 -13.20 3.16
C PHE A 78 -3.57 -13.30 1.83
N TYR A 79 -4.02 -12.47 0.91
CA TYR A 79 -3.42 -12.37 -0.41
C TYR A 79 -2.41 -11.23 -0.43
N CYS A 80 -1.23 -11.48 -0.96
CA CYS A 80 -0.21 -10.45 -1.05
C CYS A 80 -0.45 -9.58 -2.28
N CYS A 81 -1.35 -8.62 -2.16
CA CYS A 81 -1.69 -7.77 -3.29
C CYS A 81 -0.58 -6.77 -3.61
N ARG A 82 -0.14 -6.77 -4.86
CA ARG A 82 0.80 -5.76 -5.34
C ARG A 82 0.16 -4.97 -6.47
N PRO A 83 -0.25 -3.72 -6.19
CA PRO A 83 -0.83 -2.83 -7.19
C PRO A 83 0.06 -2.68 -8.42
N ARG A 84 -0.54 -2.95 -9.58
CA ARG A 84 0.17 -2.99 -10.85
C ARG A 84 0.87 -1.68 -11.19
N ASN A 85 0.31 -0.58 -10.69
CA ASN A 85 0.89 0.75 -10.91
C ASN A 85 2.34 0.84 -10.43
CD2 NLW A 86 2.29 -0.92 -5.39
CG NLW A 86 2.79 0.29 -6.15
CD1 NLW A 86 1.61 1.03 -6.76
CB NLW A 86 3.84 -0.16 -7.18
CA NLW A 86 3.87 0.50 -8.56
N NLW A 86 2.62 0.25 -9.29
C NLW A 86 5.07 0.00 -9.34
O NLW A 86 5.33 -1.20 -9.40
NH2 NLW A 86 5.82 0.91 -9.95
H2 NLW A 86 1.74 -1.56 -6.05
H1 NLW A 86 3.13 -1.46 -4.99
H3 NLW A 86 1.65 -0.60 -4.58
H4 NLW A 86 3.25 0.95 -5.44
H5 NLW A 86 0.90 1.30 -6.00
H6 NLW A 86 1.13 0.41 -7.50
H7 NLW A 86 1.97 1.94 -7.24
H8 NLW A 86 4.80 0.01 -6.72
H9 NLW A 86 3.72 -1.23 -7.32
H10 NLW A 86 3.95 1.57 -8.44
H11 NLW A 86 1.99 -0.40 -8.93
H14 NLW A 86 5.56 1.88 -9.87
H15 NLW A 86 6.62 0.62 -10.47
#